data_7K9M
#
_entry.id   7K9M
#
_cell.length_a   128.432
_cell.length_b   110.753
_cell.length_c   147.897
_cell.angle_alpha   90.000
_cell.angle_beta   103.590
_cell.angle_gamma   90.000
#
_symmetry.space_group_name_H-M   'C 1 2 1'
#
loop_
_entity.id
_entity.type
_entity.pdbx_description
1 polymer 'Phenylalanine--tRNA ligase alpha subunit'
2 polymer 'Phenylalanine--tRNA ligase beta subunit'
3 polymer tRNA(Phe)
4 non-polymer "5'-O-(L-phenylalanylsulfamoyl)adenosine"
5 non-polymer 'MAGNESIUM ION'
6 non-polymer GLYCEROL
7 non-polymer 'HEXAETHYLENE GLYCOL'
8 non-polymer 'TRIETHYLENE GLYCOL'
9 water water
#
loop_
_entity_poly.entity_id
_entity_poly.type
_entity_poly.pdbx_seq_one_letter_code
_entity_poly.pdbx_strand_id
1 'polypeptide(L)'
;MLSPEALTTAVDAAQQAIALADTLDVLARVKTEHLGDRSPLALARQALAVLPKEQRAEAGKRVNAARNAAQRSYDERLAT
LRAERDAAVLVAEGIDVTLPSTRVPAGARHPIIMLAEHVADTFIAMGWELAEGPEVETEQFNFDALNFPADHPARGEQDT
FYIAPEDSRQLLRTHTSPVQIRTLLARELPVYIISIGRTFRTDELDATHTPIFHQVEGLAVDRGLSMAHLRGTLDAFARA
EFGPSARTRIRPHFFPFTEPSAEVDVWFANKIGGAAWVEWGGCGMVHPNVLRATGIDPDLYSGFAFGMGLERTLQFRNGI
PDMRDMVEGDVRFSLPFGVGA
;
A
2 'polypeptide(L)'
;QSNAMRLPYSWLREVVAVGASGWDVTPGELEQTLLRIGHEVEEVIPLGPVDGPVTVGRVADIEELTGYKKPIRACAVDIG
DRQYREIICGATNFAVGDLVVVALPGATLPGGFTISARKAYGRNSDGMICSAAELNLGADHSGILVLPPGAAEPGADGAG
VLGLDDVVFHLAITPDRGYCMSVRGLARELACAYDLDFVDPASNSRVPPLPIEGPAWPLTVQPETGVRRFALRPVIGIDP
AAVSPWWLQRRLLLCGIRATCPAVDVTNYVMLELGHPMHAHDRNRISGTLGVRFARSGETAVTLDGIERKLDTADVLIVD
DAATAAIGGVMGAASTEVRADSTDVLLEAAIWDPAAVSRTQRRLHLPSEAARRYERTVDPAISVAALDRCARLLADIAGG
EVSPTLTDWRGDPPCDDWSPPPIRMGVDVPDRIAGVAYPQGTTARRLAQIGAVVTHDGDTLTVTPPSWRPDLRQPADLVE
EVLRLEGLEVIPSVLPPAPAGRGLTAGQQRRRTIGRSLALSGYVEILPTPFLPAGVFDLWGLEADDSRRMTTRVLNPLEA
DRPQLATTLLPALLEALVRNVSRGLVDVALFAIAQVVQPTEQTRGVGLIPVDRRPTDDEIAMLDASLPRQPQHVAAVLAG
LREPRGPWGPGRPVEAADAFEAVRIIARASRVDVTLRPAQYLPWHPGRCAQVFVGESSVGHAGQLHPAVIERSGLPKGTC
AVELNLDAIPCSAPLPAPRVSPYPAVFQDVSLVVAADIPAQAVADAVRAGAGDLLEDIALFDVFTGPQIGEHRKSLTFAL
RFRAPDRTLTEDDASAARDAAVQSAAERVGAVLRG
;
B
3 'polyribonucleotide' GGCCAGGUAGCUCAGUCGGUAUGAGCGUCCGCCUGAAAAGCGGAAGGUCGGCGGUUCGAUCCCGCCCCUGGCCACCA C
#
loop_
_chem_comp.id
_chem_comp.type
_chem_comp.name
_chem_comp.formula
A RNA linking ADENOSINE-5'-MONOPHOSPHATE 'C10 H14 N5 O7 P'
C RNA linking CYTIDINE-5'-MONOPHOSPHATE 'C9 H14 N3 O8 P'
G RNA linking GUANOSINE-5'-MONOPHOSPHATE 'C10 H14 N5 O8 P'
GOL non-polymer GLYCEROL 'C3 H8 O3'
MG non-polymer 'MAGNESIUM ION' 'Mg 2'
P6G non-polymer 'HEXAETHYLENE GLYCOL' 'C12 H26 O7'
PGE non-polymer 'TRIETHYLENE GLYCOL' 'C6 H14 O4'
U RNA linking URIDINE-5'-MONOPHOSPHATE 'C9 H13 N2 O9 P'
W5Y non-polymer 5'-O-(L-phenylalanylsulfamoyl)adenosine 'C19 H23 N7 O7 S'
#
# COMPACT_ATOMS: atom_id res chain seq x y z
N SER A 3 -29.75 100.86 -2.10
CA SER A 3 -28.87 102.02 -2.14
C SER A 3 -27.47 101.62 -2.64
N PRO A 4 -27.10 102.10 -3.82
CA PRO A 4 -25.76 101.81 -4.35
C PRO A 4 -24.67 102.39 -3.46
N GLU A 5 -23.50 101.75 -3.50
CA GLU A 5 -22.32 102.11 -2.72
C GLU A 5 -22.53 101.90 -1.22
N ALA A 6 -23.79 101.85 -0.77
CA ALA A 6 -24.09 101.32 0.56
C ALA A 6 -24.05 99.80 0.58
N LEU A 7 -23.88 99.16 -0.57
CA LEU A 7 -23.75 97.71 -0.64
C LEU A 7 -22.43 97.22 -0.04
N THR A 8 -21.43 98.09 0.06
CA THR A 8 -20.15 97.70 0.63
C THR A 8 -20.26 97.33 2.10
N THR A 9 -21.32 97.78 2.78
CA THR A 9 -21.54 97.36 4.17
C THR A 9 -22.20 95.99 4.23
N ALA A 10 -22.94 95.61 3.20
CA ALA A 10 -23.54 94.28 3.14
C ALA A 10 -22.53 93.22 2.72
N VAL A 11 -21.55 93.59 1.89
CA VAL A 11 -20.50 92.66 1.51
C VAL A 11 -19.58 92.39 2.70
N ASP A 12 -19.25 93.44 3.46
CA ASP A 12 -18.43 93.25 4.65
C ASP A 12 -19.17 92.43 5.70
N ALA A 13 -20.48 92.64 5.83
CA ALA A 13 -21.26 91.85 6.78
C ALA A 13 -21.38 90.40 6.36
N ALA A 14 -21.30 90.13 5.06
CA ALA A 14 -21.39 88.77 4.54
C ALA A 14 -20.03 88.08 4.53
N GLN A 15 -18.99 88.77 4.06
CA GLN A 15 -17.67 88.15 3.97
C GLN A 15 -17.11 87.80 5.34
N GLN A 16 -17.53 88.51 6.39
CA GLN A 16 -17.10 88.18 7.74
C GLN A 16 -18.00 87.14 8.39
N ALA A 17 -19.29 87.10 8.03
CA ALA A 17 -20.16 86.04 8.50
C ALA A 17 -19.89 84.72 7.78
N ILE A 18 -19.39 84.79 6.55
CA ILE A 18 -19.04 83.59 5.80
C ILE A 18 -17.75 82.99 6.34
N ALA A 19 -16.72 83.82 6.54
CA ALA A 19 -15.46 83.33 7.08
C ALA A 19 -15.59 82.86 8.52
N LEU A 20 -16.64 83.29 9.23
CA LEU A 20 -16.85 82.88 10.61
C LEU A 20 -17.48 81.49 10.72
N ALA A 21 -18.18 81.04 9.68
CA ALA A 21 -18.84 79.74 9.70
C ALA A 21 -17.81 78.63 9.50
N ASP A 22 -17.77 77.69 10.45
CA ASP A 22 -16.87 76.55 10.38
C ASP A 22 -17.63 75.23 10.32
N THR A 23 -18.86 75.27 9.82
CA THR A 23 -19.70 74.09 9.68
C THR A 23 -20.58 74.27 8.47
N LEU A 24 -20.78 73.18 7.71
CA LEU A 24 -21.63 73.23 6.53
C LEU A 24 -23.05 73.66 6.87
N ASP A 25 -23.55 73.26 8.05
CA ASP A 25 -24.88 73.67 8.47
C ASP A 25 -24.92 75.16 8.81
N VAL A 26 -23.88 75.66 9.48
CA VAL A 26 -23.80 77.09 9.78
C VAL A 26 -23.69 77.90 8.49
N LEU A 27 -22.84 77.45 7.56
CA LEU A 27 -22.68 78.17 6.30
C LEU A 27 -23.94 78.09 5.44
N ALA A 28 -24.72 77.02 5.58
CA ALA A 28 -25.97 76.93 4.82
C ALA A 28 -26.96 77.99 5.25
N ARG A 29 -26.99 78.31 6.55
CA ARG A 29 -27.86 79.38 7.03
C ARG A 29 -27.27 80.76 6.71
N VAL A 30 -25.95 80.89 6.78
CA VAL A 30 -25.31 82.16 6.42
C VAL A 30 -25.56 82.48 4.95
N LYS A 31 -25.66 81.45 4.10
CA LYS A 31 -25.93 81.68 2.68
C LYS A 31 -27.28 82.35 2.47
N THR A 32 -28.36 81.72 2.94
CA THR A 32 -29.70 82.25 2.70
C THR A 32 -29.92 83.59 3.38
N GLU A 33 -29.15 83.92 4.43
CA GLU A 33 -29.26 85.21 5.06
C GLU A 33 -28.58 86.32 4.26
N HIS A 34 -27.51 85.98 3.53
CA HIS A 34 -26.74 86.97 2.79
C HIS A 34 -26.70 86.75 1.29
N LEU A 35 -27.22 85.62 0.80
CA LEU A 35 -27.25 85.37 -0.64
C LEU A 35 -28.56 84.74 -1.11
N GLY A 36 -29.48 84.42 -0.22
CA GLY A 36 -30.71 83.75 -0.59
C GLY A 36 -31.65 84.66 -1.38
N ASP A 37 -32.84 84.12 -1.66
CA ASP A 37 -33.84 84.87 -2.40
C ASP A 37 -34.37 86.06 -1.61
N ARG A 38 -34.27 86.03 -0.28
CA ARG A 38 -34.71 87.11 0.58
C ARG A 38 -33.55 87.99 1.04
N SER A 39 -32.36 87.79 0.47
CA SER A 39 -31.18 88.52 0.92
C SER A 39 -31.21 89.96 0.43
N PRO A 40 -30.59 90.90 1.16
CA PRO A 40 -30.46 92.26 0.64
C PRO A 40 -29.72 92.34 -0.68
N LEU A 41 -28.68 91.55 -0.87
CA LEU A 41 -27.97 91.53 -2.15
C LEU A 41 -28.84 90.99 -3.29
N ALA A 42 -29.84 90.18 -2.98
CA ALA A 42 -30.78 89.74 -4.00
C ALA A 42 -31.87 90.78 -4.24
N LEU A 43 -32.25 91.53 -3.20
CA LEU A 43 -33.23 92.61 -3.38
C LEU A 43 -32.66 93.74 -4.21
N ALA A 44 -31.34 93.91 -4.22
CA ALA A 44 -30.73 94.94 -5.06
C ALA A 44 -30.76 94.56 -6.53
N ARG A 45 -30.72 93.25 -6.83
CA ARG A 45 -30.81 92.80 -8.21
C ARG A 45 -32.23 92.84 -8.74
N GLN A 46 -33.22 92.55 -7.88
CA GLN A 46 -34.61 92.59 -8.31
C GLN A 46 -35.05 94.02 -8.64
N ALA A 47 -34.42 95.02 -8.02
CA ALA A 47 -34.75 96.42 -8.25
C ALA A 47 -33.95 97.04 -9.37
N LEU A 48 -33.59 96.26 -10.39
CA LEU A 48 -32.85 96.77 -11.54
C LEU A 48 -33.70 96.90 -12.80
N ALA A 49 -34.94 96.41 -12.78
CA ALA A 49 -35.84 96.53 -13.92
C ALA A 49 -36.87 97.63 -13.75
N VAL A 50 -37.00 98.22 -12.56
CA VAL A 50 -37.98 99.27 -12.34
C VAL A 50 -37.38 100.66 -12.53
N LEU A 51 -36.11 100.84 -12.18
CA LEU A 51 -35.45 102.12 -12.37
C LEU A 51 -35.30 102.42 -13.86
N PRO A 52 -35.21 103.70 -14.24
CA PRO A 52 -35.13 104.05 -15.65
C PRO A 52 -33.90 103.46 -16.33
N LYS A 53 -33.92 103.52 -17.67
CA LYS A 53 -32.89 102.87 -18.46
C LYS A 53 -31.53 103.55 -18.33
N GLU A 54 -31.51 104.87 -18.15
CA GLU A 54 -30.24 105.59 -18.06
C GLU A 54 -29.50 105.29 -16.77
N GLN A 55 -30.21 104.88 -15.71
CA GLN A 55 -29.60 104.56 -14.43
C GLN A 55 -29.40 103.07 -14.23
N ARG A 56 -29.48 102.28 -15.31
CA ARG A 56 -29.44 100.83 -15.20
C ARG A 56 -28.08 100.24 -15.53
N ALA A 57 -27.27 100.92 -16.35
CA ALA A 57 -25.98 100.40 -16.75
C ALA A 57 -24.90 100.61 -15.69
N GLU A 58 -25.06 101.60 -14.81
CA GLU A 58 -24.08 101.88 -13.77
C GLU A 58 -24.50 101.39 -12.40
N ALA A 59 -25.78 101.52 -12.04
CA ALA A 59 -26.24 101.01 -10.75
C ALA A 59 -26.16 99.49 -10.70
N GLY A 60 -26.35 98.81 -11.84
CA GLY A 60 -26.21 97.37 -11.86
C GLY A 60 -24.79 96.89 -11.81
N LYS A 61 -23.85 97.69 -12.32
CA LYS A 61 -22.44 97.30 -12.25
C LYS A 61 -21.92 97.34 -10.83
N ARG A 62 -22.47 98.23 -9.99
CA ARG A 62 -22.12 98.25 -8.58
C ARG A 62 -22.84 97.14 -7.81
N VAL A 63 -24.02 96.72 -8.26
CA VAL A 63 -24.72 95.62 -7.62
C VAL A 63 -24.11 94.29 -8.01
N ASN A 64 -23.74 94.12 -9.29
CA ASN A 64 -23.14 92.88 -9.73
C ASN A 64 -21.74 92.69 -9.13
N ALA A 65 -21.00 93.79 -8.93
CA ALA A 65 -19.68 93.68 -8.31
C ALA A 65 -19.79 93.32 -6.84
N ALA A 66 -20.78 93.89 -6.15
CA ALA A 66 -20.96 93.59 -4.73
C ALA A 66 -21.53 92.19 -4.52
N ARG A 67 -22.32 91.70 -5.49
CA ARG A 67 -22.90 90.37 -5.35
C ARG A 67 -21.90 89.28 -5.71
N ASN A 68 -21.07 89.52 -6.73
CA ASN A 68 -20.05 88.54 -7.10
C ASN A 68 -18.95 88.45 -6.06
N ALA A 69 -18.67 89.54 -5.34
CA ALA A 69 -17.68 89.51 -4.28
C ALA A 69 -18.14 88.62 -3.13
N ALA A 70 -19.44 88.63 -2.82
CA ALA A 70 -19.97 87.77 -1.76
C ALA A 70 -20.10 86.33 -2.22
N GLN A 71 -20.35 86.11 -3.52
CA GLN A 71 -20.44 84.76 -4.05
C GLN A 71 -19.10 84.04 -3.97
N ARG A 72 -18.02 84.72 -4.37
CA ARG A 72 -16.69 84.12 -4.33
C ARG A 72 -16.31 83.76 -2.89
N SER A 73 -16.64 84.63 -1.94
CA SER A 73 -16.34 84.33 -0.54
C SER A 73 -17.13 83.11 -0.06
N TYR A 74 -18.36 82.96 -0.55
CA TYR A 74 -19.16 81.79 -0.15
C TYR A 74 -18.66 80.53 -0.85
N ASP A 75 -18.42 80.62 -2.16
CA ASP A 75 -17.99 79.44 -2.92
C ASP A 75 -16.66 78.91 -2.40
N GLU A 76 -15.70 79.81 -2.14
CA GLU A 76 -14.40 79.38 -1.62
C GLU A 76 -14.52 78.85 -0.20
N ARG A 77 -15.49 79.34 0.57
CA ARG A 77 -15.70 78.81 1.91
C ARG A 77 -16.48 77.50 1.89
N LEU A 78 -17.40 77.34 0.93
CA LEU A 78 -18.11 76.07 0.79
C LEU A 78 -17.18 74.95 0.36
N ALA A 79 -16.31 75.22 -0.62
CA ALA A 79 -15.35 74.21 -1.06
C ALA A 79 -14.37 73.87 0.04
N THR A 80 -13.96 74.86 0.85
CA THR A 80 -13.02 74.61 1.93
C THR A 80 -13.64 73.71 3.00
N LEU A 81 -14.86 74.03 3.44
CA LEU A 81 -15.51 73.25 4.49
C LEU A 81 -15.87 71.85 3.99
N ARG A 82 -16.20 71.71 2.70
CA ARG A 82 -16.47 70.39 2.17
C ARG A 82 -15.19 69.58 1.96
N ALA A 83 -14.07 70.25 1.71
CA ALA A 83 -12.80 69.54 1.61
C ALA A 83 -12.35 69.02 2.97
N GLU A 84 -12.52 69.83 4.02
CA GLU A 84 -12.16 69.38 5.36
C GLU A 84 -13.07 68.23 5.80
N ARG A 85 -14.36 68.30 5.46
CA ARG A 85 -15.27 67.22 5.79
C ARG A 85 -14.87 65.92 5.09
N ASP A 86 -14.57 66.01 3.79
CA ASP A 86 -14.21 64.81 3.03
C ASP A 86 -12.89 64.22 3.53
N ALA A 87 -11.92 65.07 3.86
CA ALA A 87 -10.64 64.58 4.35
C ALA A 87 -10.80 63.88 5.70
N ALA A 88 -11.67 64.41 6.57
CA ALA A 88 -11.86 63.80 7.88
C ALA A 88 -12.52 62.43 7.77
N VAL A 89 -13.32 62.20 6.73
CA VAL A 89 -13.94 60.89 6.56
C VAL A 89 -12.90 59.84 6.24
N LEU A 90 -11.92 60.19 5.41
CA LEU A 90 -10.88 59.23 5.03
C LEU A 90 -10.03 58.84 6.24
N VAL A 91 -9.74 59.80 7.12
CA VAL A 91 -8.99 59.50 8.33
C VAL A 91 -9.80 58.63 9.28
N ALA A 92 -11.07 58.99 9.48
CA ALA A 92 -11.93 58.24 10.38
C ALA A 92 -12.23 56.83 9.88
N GLU A 93 -12.15 56.61 8.57
CA GLU A 93 -12.44 55.30 7.99
C GLU A 93 -11.19 54.43 7.84
N GLY A 94 -10.07 54.83 8.43
CA GLY A 94 -8.86 54.04 8.32
C GLY A 94 -8.98 52.73 9.07
N ILE A 95 -8.36 51.68 8.52
CA ILE A 95 -8.36 50.36 9.12
C ILE A 95 -6.96 49.79 9.06
N ASP A 96 -6.73 48.76 9.88
CA ASP A 96 -5.50 47.96 9.83
C ASP A 96 -5.67 46.94 8.71
N VAL A 97 -5.01 47.17 7.58
CA VAL A 97 -5.16 46.28 6.43
C VAL A 97 -4.44 44.96 6.60
N THR A 98 -3.66 44.79 7.66
CA THR A 98 -2.95 43.54 7.90
C THR A 98 -3.73 42.59 8.81
N LEU A 99 -4.96 42.95 9.19
CA LEU A 99 -5.77 42.07 10.00
C LEU A 99 -6.06 40.78 9.25
N PRO A 100 -6.18 39.66 9.96
CA PRO A 100 -6.58 38.41 9.30
C PRO A 100 -7.97 38.55 8.69
N SER A 101 -8.19 37.82 7.59
CA SER A 101 -9.42 37.97 6.83
C SER A 101 -10.12 36.66 6.49
N THR A 102 -9.53 35.52 6.85
CA THR A 102 -10.05 34.22 6.39
C THR A 102 -11.11 33.73 7.37
N ARG A 103 -12.37 34.03 7.03
CA ARG A 103 -13.52 33.51 7.78
C ARG A 103 -13.79 32.05 7.48
N VAL A 104 -13.46 31.61 6.26
CA VAL A 104 -13.64 30.21 5.86
C VAL A 104 -12.25 29.61 5.65
N PRO A 105 -11.64 29.02 6.69
CA PRO A 105 -10.30 28.46 6.53
C PRO A 105 -10.25 27.40 5.44
N ALA A 106 -9.14 27.37 4.73
CA ALA A 106 -8.97 26.41 3.64
C ALA A 106 -8.88 25.00 4.20
N GLY A 107 -9.44 24.05 3.45
CA GLY A 107 -9.26 22.64 3.74
C GLY A 107 -8.11 22.05 2.95
N ALA A 108 -8.20 20.74 2.69
CA ALA A 108 -7.18 20.06 1.89
C ALA A 108 -7.61 18.67 1.42
N ARG A 109 -7.52 18.43 0.12
CA ARG A 109 -7.60 17.05 -0.36
C ARG A 109 -6.33 16.32 0.06
N HIS A 110 -6.41 15.00 0.14
CA HIS A 110 -5.29 14.26 0.70
C HIS A 110 -4.11 14.27 -0.27
N PRO A 111 -2.89 14.45 0.23
CA PRO A 111 -1.71 14.42 -0.64
C PRO A 111 -1.59 13.15 -1.46
N ILE A 112 -2.00 12.00 -0.91
CA ILE A 112 -1.99 10.76 -1.69
C ILE A 112 -2.92 10.88 -2.89
N ILE A 113 -4.12 11.42 -2.67
CA ILE A 113 -5.08 11.61 -3.75
C ILE A 113 -4.57 12.65 -4.74
N MET A 114 -3.90 13.70 -4.24
CA MET A 114 -3.39 14.72 -5.15
C MET A 114 -2.22 14.20 -5.98
N LEU A 115 -1.39 13.35 -5.40
CA LEU A 115 -0.34 12.70 -6.21
C LEU A 115 -0.97 11.78 -7.25
N ALA A 116 -2.04 11.07 -6.88
CA ALA A 116 -2.73 10.22 -7.83
C ALA A 116 -3.28 11.03 -9.01
N GLU A 117 -3.82 12.20 -8.72
CA GLU A 117 -4.27 13.09 -9.79
C GLU A 117 -3.13 13.50 -10.70
N HIS A 118 -1.97 13.81 -10.12
CA HIS A 118 -0.81 14.20 -10.92
C HIS A 118 -0.31 13.04 -11.77
N VAL A 119 -0.28 11.83 -11.20
CA VAL A 119 0.10 10.66 -11.98
C VAL A 119 -0.91 10.40 -13.09
N ALA A 120 -2.20 10.48 -12.75
CA ALA A 120 -3.25 10.27 -13.76
C ALA A 120 -3.11 11.27 -14.89
N ASP A 121 -2.95 12.56 -14.58
CA ASP A 121 -2.80 13.58 -15.61
C ASP A 121 -1.58 13.30 -16.48
N THR A 122 -0.49 12.81 -15.89
CA THR A 122 0.71 12.48 -16.64
C THR A 122 0.43 11.43 -17.71
N PHE A 123 -0.31 10.38 -17.36
CA PHE A 123 -0.58 9.32 -18.32
C PHE A 123 -1.67 9.69 -19.31
N ILE A 124 -2.64 10.51 -18.88
CA ILE A 124 -3.68 10.97 -19.80
C ILE A 124 -3.06 11.86 -20.88
N ALA A 125 -2.10 12.70 -20.49
CA ALA A 125 -1.40 13.53 -21.46
C ALA A 125 -0.60 12.71 -22.47
N MET A 126 -0.38 11.43 -22.21
CA MET A 126 0.27 10.52 -23.15
C MET A 126 -0.73 9.65 -23.89
N GLY A 127 -2.02 9.94 -23.79
CA GLY A 127 -3.04 9.19 -24.51
C GLY A 127 -3.61 8.00 -23.76
N TRP A 128 -3.18 7.75 -22.52
CA TRP A 128 -3.68 6.63 -21.76
C TRP A 128 -5.00 7.00 -21.07
N GLU A 129 -5.69 5.98 -20.54
CA GLU A 129 -6.93 6.15 -19.82
C GLU A 129 -6.85 5.46 -18.47
N LEU A 130 -7.86 5.69 -17.63
CA LEU A 130 -7.90 5.18 -16.27
C LEU A 130 -8.96 4.09 -16.16
N ALA A 131 -8.54 2.89 -15.74
CA ALA A 131 -9.42 1.78 -15.45
C ALA A 131 -9.66 1.67 -13.96
N GLU A 132 -10.69 0.90 -13.59
CA GLU A 132 -11.13 0.82 -12.20
C GLU A 132 -11.49 -0.62 -11.84
N GLY A 133 -11.55 -0.87 -10.53
CA GLY A 133 -11.90 -2.17 -10.00
C GLY A 133 -12.23 -2.10 -8.53
N PRO A 134 -13.08 -3.01 -8.05
CA PRO A 134 -13.50 -2.98 -6.65
C PRO A 134 -12.38 -3.39 -5.72
N GLU A 135 -12.51 -2.96 -4.46
CA GLU A 135 -11.49 -3.28 -3.45
C GLU A 135 -11.64 -4.71 -2.94
N VAL A 136 -12.87 -5.20 -2.82
CA VAL A 136 -13.11 -6.60 -2.49
C VAL A 136 -13.19 -7.39 -3.79
N GLU A 137 -12.34 -8.39 -3.93
CA GLU A 137 -12.13 -9.07 -5.20
C GLU A 137 -12.30 -10.57 -5.00
N THR A 138 -12.61 -11.26 -6.10
CA THR A 138 -12.57 -12.72 -6.09
C THR A 138 -11.14 -13.21 -6.18
N GLU A 139 -10.93 -14.46 -5.75
CA GLU A 139 -9.64 -15.10 -6.01
C GLU A 139 -9.40 -15.33 -7.48
N GLN A 140 -10.49 -15.47 -8.25
CA GLN A 140 -10.37 -15.70 -9.69
C GLN A 140 -9.53 -14.63 -10.37
N PHE A 141 -9.84 -13.36 -10.11
CA PHE A 141 -9.14 -12.26 -10.76
C PHE A 141 -7.92 -11.78 -9.99
N ASN A 142 -7.88 -11.99 -8.67
CA ASN A 142 -6.74 -11.52 -7.89
C ASN A 142 -5.55 -12.46 -7.98
N PHE A 143 -5.80 -13.74 -8.27
CA PHE A 143 -4.75 -14.74 -8.27
C PHE A 143 -4.82 -15.65 -9.50
N ASP A 144 -5.92 -16.38 -9.65
CA ASP A 144 -5.99 -17.47 -10.61
C ASP A 144 -5.80 -16.99 -12.04
N ALA A 145 -6.58 -15.99 -12.46
CA ALA A 145 -6.43 -15.47 -13.81
C ALA A 145 -5.10 -14.76 -14.02
N LEU A 146 -4.42 -14.38 -12.94
CA LEU A 146 -3.08 -13.82 -13.00
C LEU A 146 -2.01 -14.90 -12.93
N ASN A 147 -2.33 -16.14 -13.32
CA ASN A 147 -1.38 -17.25 -13.45
C ASN A 147 -0.77 -17.65 -12.11
N PHE A 148 -1.41 -17.28 -11.00
CA PHE A 148 -0.97 -17.76 -9.69
C PHE A 148 -1.27 -19.26 -9.59
N PRO A 149 -0.31 -20.07 -9.18
CA PRO A 149 -0.60 -21.49 -8.93
C PRO A 149 -1.52 -21.66 -7.73
N ALA A 150 -2.10 -22.86 -7.62
CA ALA A 150 -3.12 -23.11 -6.61
C ALA A 150 -2.52 -23.32 -5.23
N ASP A 151 -1.68 -24.34 -5.08
CA ASP A 151 -1.07 -24.70 -3.79
C ASP A 151 0.43 -24.56 -3.94
N HIS A 152 0.94 -23.35 -3.74
CA HIS A 152 2.31 -23.02 -4.06
C HIS A 152 2.69 -21.76 -3.29
N PRO A 153 3.94 -21.65 -2.83
CA PRO A 153 4.32 -20.46 -2.04
C PRO A 153 4.14 -19.14 -2.77
N ALA A 154 4.15 -19.12 -4.11
CA ALA A 154 3.91 -17.87 -4.82
C ALA A 154 2.54 -17.29 -4.48
N ARG A 155 1.61 -18.13 -4.09
CA ARG A 155 0.29 -17.71 -3.65
C ARG A 155 0.14 -17.67 -2.14
N GLY A 156 0.68 -18.68 -1.44
CA GLY A 156 0.52 -18.75 0.00
C GLY A 156 1.31 -17.70 0.76
N GLU A 157 2.49 -17.33 0.27
CA GLU A 157 3.30 -16.33 0.94
C GLU A 157 2.72 -14.93 0.84
N GLN A 158 1.65 -14.73 0.07
CA GLN A 158 1.04 -13.42 -0.02
C GLN A 158 0.44 -13.00 1.31
N ASP A 159 0.51 -11.71 1.60
CA ASP A 159 -0.04 -11.16 2.85
C ASP A 159 -1.51 -10.79 2.62
N THR A 160 -2.35 -11.83 2.53
CA THR A 160 -3.71 -11.71 2.03
C THR A 160 -4.71 -11.60 3.18
N PHE A 161 -5.61 -10.62 3.09
CA PHE A 161 -6.78 -10.55 3.96
C PHE A 161 -7.88 -11.43 3.35
N TYR A 162 -8.09 -12.60 3.93
CA TYR A 162 -9.12 -13.51 3.44
C TYR A 162 -10.46 -13.21 4.09
N ILE A 163 -11.52 -13.28 3.28
CA ILE A 163 -12.87 -12.89 3.70
C ILE A 163 -13.65 -14.14 4.08
N ALA A 164 -14.42 -14.03 5.17
CA ALA A 164 -15.20 -15.16 5.64
C ALA A 164 -16.36 -15.46 4.68
N PRO A 165 -16.80 -16.71 4.61
CA PRO A 165 -16.26 -17.88 5.31
C PRO A 165 -15.03 -18.47 4.62
N GLU A 166 -14.52 -19.60 5.12
CA GLU A 166 -13.28 -20.17 4.60
C GLU A 166 -13.40 -20.67 3.17
N ASP A 167 -14.61 -20.96 2.70
CA ASP A 167 -14.80 -21.42 1.32
C ASP A 167 -15.32 -20.32 0.40
N SER A 168 -15.06 -19.06 0.74
CA SER A 168 -15.64 -17.95 -0.01
C SER A 168 -14.82 -17.56 -1.23
N ARG A 169 -13.53 -17.86 -1.26
CA ARG A 169 -12.64 -17.44 -2.34
C ARG A 169 -12.81 -15.95 -2.63
N GLN A 170 -13.05 -15.18 -1.58
CA GLN A 170 -13.10 -13.73 -1.63
C GLN A 170 -12.02 -13.16 -0.74
N LEU A 171 -11.60 -11.94 -1.03
CA LEU A 171 -10.51 -11.32 -0.29
C LEU A 171 -10.51 -9.83 -0.57
N LEU A 172 -9.82 -9.09 0.29
CA LEU A 172 -9.38 -7.76 -0.06
C LEU A 172 -8.23 -7.89 -1.06
N ARG A 173 -8.35 -7.22 -2.21
CA ARG A 173 -7.34 -7.39 -3.24
C ARG A 173 -5.97 -6.97 -2.72
N THR A 174 -4.97 -7.82 -2.97
CA THR A 174 -3.62 -7.59 -2.49
C THR A 174 -2.84 -6.67 -3.42
N HIS A 175 -3.38 -6.36 -4.59
CA HIS A 175 -2.73 -5.51 -5.58
C HIS A 175 -3.80 -5.05 -6.57
N THR A 176 -3.43 -4.09 -7.41
CA THR A 176 -4.32 -3.58 -8.45
C THR A 176 -4.24 -4.41 -9.72
N SER A 177 -3.46 -5.48 -9.74
CA SER A 177 -3.29 -6.30 -10.93
C SER A 177 -4.55 -7.04 -11.38
N PRO A 178 -5.52 -7.34 -10.51
CA PRO A 178 -6.80 -7.85 -11.03
C PRO A 178 -7.51 -6.87 -11.96
N VAL A 179 -7.12 -5.59 -11.95
CA VAL A 179 -7.71 -4.65 -12.90
C VAL A 179 -7.23 -4.96 -14.31
N GLN A 180 -6.05 -5.59 -14.45
CA GLN A 180 -5.61 -6.07 -15.75
C GLN A 180 -6.65 -7.01 -16.35
N ILE A 181 -7.14 -7.95 -15.55
CA ILE A 181 -8.08 -8.94 -16.04
C ILE A 181 -9.40 -8.29 -16.42
N ARG A 182 -9.92 -7.41 -15.54
CA ARG A 182 -11.17 -6.73 -15.81
C ARG A 182 -11.09 -5.88 -17.07
N THR A 183 -9.94 -5.25 -17.30
CA THR A 183 -9.80 -4.36 -18.45
C THR A 183 -9.70 -5.16 -19.75
N LEU A 184 -8.97 -6.28 -19.75
CA LEU A 184 -8.83 -7.07 -20.95
C LEU A 184 -10.14 -7.79 -21.31
N LEU A 185 -10.99 -8.07 -20.31
CA LEU A 185 -12.28 -8.67 -20.59
C LEU A 185 -13.29 -7.65 -21.13
N ALA A 186 -13.18 -6.38 -20.73
CA ALA A 186 -14.20 -5.39 -21.02
C ALA A 186 -13.89 -4.54 -22.26
N ARG A 187 -12.63 -4.45 -22.69
CA ARG A 187 -12.24 -3.57 -23.78
C ARG A 187 -11.65 -4.35 -24.94
N GLU A 188 -11.77 -3.77 -26.13
CA GLU A 188 -11.11 -4.30 -27.31
C GLU A 188 -9.65 -3.82 -27.33
N LEU A 189 -8.83 -4.53 -28.09
CA LEU A 189 -7.43 -4.17 -28.22
C LEU A 189 -7.24 -3.12 -29.31
N PRO A 190 -6.21 -2.26 -29.21
CA PRO A 190 -5.19 -2.21 -28.15
C PRO A 190 -5.65 -1.51 -26.88
N VAL A 191 -4.93 -1.75 -25.78
CA VAL A 191 -5.28 -1.25 -24.46
C VAL A 191 -4.09 -0.52 -23.88
N TYR A 192 -4.30 0.73 -23.46
CA TYR A 192 -3.27 1.51 -22.77
C TYR A 192 -3.95 2.19 -21.59
N ILE A 193 -3.87 1.58 -20.42
CA ILE A 193 -4.56 2.10 -19.24
C ILE A 193 -3.62 2.09 -18.04
N ILE A 194 -3.96 2.93 -17.06
CA ILE A 194 -3.44 2.81 -15.71
C ILE A 194 -4.64 2.70 -14.76
N SER A 195 -4.37 2.32 -13.53
CA SER A 195 -5.42 2.15 -12.53
C SER A 195 -4.86 2.50 -11.16
N ILE A 196 -5.52 3.41 -10.46
CA ILE A 196 -5.07 3.89 -9.16
C ILE A 196 -6.17 3.61 -8.15
N GLY A 197 -5.89 2.73 -7.20
CA GLY A 197 -6.88 2.36 -6.20
C GLY A 197 -6.20 1.76 -4.99
N ARG A 198 -7.01 1.47 -3.98
CA ARG A 198 -6.48 0.96 -2.73
C ARG A 198 -6.22 -0.53 -2.80
N THR A 199 -5.21 -0.97 -2.03
CA THR A 199 -4.79 -2.36 -1.96
C THR A 199 -4.50 -2.69 -0.49
N PHE A 200 -4.60 -3.97 -0.16
CA PHE A 200 -4.65 -4.38 1.25
C PHE A 200 -3.72 -5.56 1.49
N ARG A 201 -2.86 -5.43 2.49
CA ARG A 201 -1.98 -6.52 2.90
C ARG A 201 -1.87 -6.54 4.42
N THR A 202 -1.53 -7.71 4.96
CA THR A 202 -1.38 -7.89 6.40
C THR A 202 -0.02 -7.44 6.90
N ASP A 203 0.47 -6.29 6.43
CA ASP A 203 1.75 -5.74 6.85
C ASP A 203 1.52 -4.71 7.94
N GLU A 204 2.29 -4.82 9.02
CA GLU A 204 2.21 -3.83 10.09
C GLU A 204 2.80 -2.49 9.63
N LEU A 205 2.28 -1.41 10.20
CA LEU A 205 2.75 -0.08 9.85
C LEU A 205 4.21 0.08 10.25
N ASP A 206 5.05 0.43 9.28
CA ASP A 206 6.41 0.87 9.55
C ASP A 206 6.68 2.09 8.67
N ALA A 207 7.95 2.39 8.42
CA ALA A 207 8.30 3.63 7.73
C ALA A 207 7.82 3.62 6.28
N THR A 208 7.74 2.44 5.64
CA THR A 208 7.38 2.35 4.24
C THR A 208 6.24 1.36 3.95
N HIS A 209 5.68 0.72 4.97
CA HIS A 209 4.60 -0.24 4.78
C HIS A 209 3.44 0.11 5.70
N THR A 210 2.22 -0.08 5.18
CA THR A 210 0.99 0.12 5.92
C THR A 210 -0.01 -0.89 5.40
N PRO A 211 -0.97 -1.33 6.22
CA PRO A 211 -1.89 -2.39 5.77
C PRO A 211 -2.85 -1.93 4.68
N ILE A 212 -3.17 -0.64 4.62
CA ILE A 212 -4.10 -0.10 3.62
C ILE A 212 -3.36 0.97 2.84
N PHE A 213 -2.97 0.65 1.61
CA PHE A 213 -2.18 1.55 0.79
C PHE A 213 -2.79 1.60 -0.62
N HIS A 214 -2.16 2.36 -1.50
CA HIS A 214 -2.59 2.51 -2.88
C HIS A 214 -1.49 2.09 -3.83
N GLN A 215 -1.88 1.67 -5.04
CA GLN A 215 -0.93 1.30 -6.07
C GLN A 215 -1.31 1.97 -7.38
N VAL A 216 -0.30 2.23 -8.21
CA VAL A 216 -0.50 2.69 -9.59
C VAL A 216 -0.20 1.51 -10.49
N GLU A 217 -1.25 0.92 -11.05
CA GLU A 217 -1.13 -0.18 -12.00
C GLU A 217 -1.01 0.38 -13.41
N GLY A 218 -0.29 -0.34 -14.26
CA GLY A 218 -0.20 0.00 -15.66
C GLY A 218 -0.33 -1.24 -16.51
N LEU A 219 -0.98 -1.08 -17.66
CA LEU A 219 -1.21 -2.19 -18.58
C LEU A 219 -1.27 -1.69 -20.00
N ALA A 220 -0.41 -2.24 -20.86
CA ALA A 220 -0.39 -1.91 -22.28
C ALA A 220 -0.34 -3.21 -23.06
N VAL A 221 -1.33 -3.44 -23.92
CA VAL A 221 -1.41 -4.63 -24.75
C VAL A 221 -1.67 -4.17 -26.18
N ASP A 222 -0.80 -4.58 -27.10
CA ASP A 222 -0.84 -4.10 -28.47
C ASP A 222 0.05 -5.02 -29.30
N ARG A 223 0.10 -4.76 -30.61
CA ARG A 223 0.98 -5.50 -31.49
C ARG A 223 2.40 -4.96 -31.39
N GLY A 224 3.36 -5.83 -31.10
CA GLY A 224 4.76 -5.48 -31.20
C GLY A 224 5.36 -4.80 -29.99
N LEU A 225 4.68 -4.78 -28.85
CA LEU A 225 5.23 -4.16 -27.66
C LEU A 225 6.36 -5.02 -27.09
N SER A 226 7.35 -4.36 -26.49
CA SER A 226 8.54 -5.03 -25.98
C SER A 226 8.95 -4.40 -24.65
N MET A 227 10.02 -4.95 -24.06
CA MET A 227 10.57 -4.38 -22.84
C MET A 227 11.05 -2.95 -23.03
N ALA A 228 11.43 -2.58 -24.26
CA ALA A 228 11.85 -1.21 -24.51
C ALA A 228 10.70 -0.22 -24.35
N HIS A 229 9.49 -0.65 -24.71
CA HIS A 229 8.32 0.21 -24.50
C HIS A 229 7.97 0.29 -23.02
N LEU A 230 8.15 -0.80 -22.28
CA LEU A 230 7.96 -0.77 -20.84
C LEU A 230 8.94 0.18 -20.18
N ARG A 231 10.20 0.14 -20.59
CA ARG A 231 11.21 1.01 -20.00
C ARG A 231 10.96 2.47 -20.39
N GLY A 232 10.54 2.71 -21.62
CA GLY A 232 10.18 4.06 -22.02
C GLY A 232 9.05 4.63 -21.19
N THR A 233 8.05 3.80 -20.88
CA THR A 233 6.90 4.27 -20.10
C THR A 233 7.30 4.54 -18.65
N LEU A 234 8.09 3.63 -18.05
CA LEU A 234 8.54 3.84 -16.68
C LEU A 234 9.44 5.06 -16.56
N ASP A 235 10.29 5.29 -17.57
CA ASP A 235 11.15 6.47 -17.54
C ASP A 235 10.33 7.75 -17.56
N ALA A 236 9.23 7.78 -18.32
CA ALA A 236 8.36 8.95 -18.32
C ALA A 236 7.65 9.10 -16.98
N PHE A 237 7.17 7.98 -16.42
CA PHE A 237 6.58 7.98 -15.09
C PHE A 237 7.57 8.55 -14.06
N ALA A 238 8.80 8.02 -14.04
CA ALA A 238 9.79 8.50 -13.08
C ALA A 238 10.18 9.94 -13.33
N ARG A 239 10.31 10.33 -14.61
CA ARG A 239 10.71 11.69 -14.95
C ARG A 239 9.66 12.70 -14.48
N ALA A 240 8.39 12.37 -14.61
CA ALA A 240 7.33 13.31 -14.27
C ALA A 240 7.12 13.44 -12.76
N GLU A 241 7.45 12.41 -11.99
CA GLU A 241 7.24 12.44 -10.54
C GLU A 241 8.50 12.77 -9.76
N PHE A 242 9.66 12.32 -10.22
CA PHE A 242 10.90 12.49 -9.46
C PHE A 242 11.86 13.50 -10.08
N GLY A 243 11.58 13.96 -11.31
CA GLY A 243 12.45 14.92 -11.96
C GLY A 243 13.49 14.25 -12.84
N PRO A 244 14.19 15.04 -13.64
CA PRO A 244 15.18 14.48 -14.56
C PRO A 244 16.47 14.02 -13.90
N SER A 245 16.66 14.27 -12.61
CA SER A 245 17.87 13.87 -11.90
C SER A 245 17.68 12.61 -11.07
N ALA A 246 16.57 11.89 -11.28
CA ALA A 246 16.26 10.73 -10.46
C ALA A 246 17.11 9.53 -10.86
N ARG A 247 17.56 8.79 -9.86
CA ARG A 247 18.30 7.55 -10.07
C ARG A 247 17.34 6.38 -9.93
N THR A 248 17.17 5.62 -11.00
CA THR A 248 16.38 4.39 -10.98
C THR A 248 17.23 3.25 -11.52
N ARG A 249 16.90 2.02 -11.09
CA ARG A 249 17.55 0.83 -11.62
C ARG A 249 16.52 -0.29 -11.73
N ILE A 250 16.71 -1.13 -12.74
CA ILE A 250 15.79 -2.24 -13.01
C ILE A 250 16.58 -3.54 -12.95
N ARG A 251 16.02 -4.54 -12.29
CA ARG A 251 16.68 -5.82 -12.05
C ARG A 251 15.64 -6.93 -12.15
N PRO A 252 16.08 -8.15 -12.48
CA PRO A 252 15.11 -9.25 -12.65
C PRO A 252 14.45 -9.62 -11.32
N HIS A 253 13.22 -10.10 -11.43
CA HIS A 253 12.46 -10.55 -10.26
C HIS A 253 11.48 -11.63 -10.75
N PHE A 254 10.40 -11.83 -10.00
CA PHE A 254 9.40 -12.81 -10.40
C PHE A 254 8.00 -12.33 -10.03
N PHE A 255 7.07 -12.46 -10.97
CA PHE A 255 5.65 -12.35 -10.70
C PHE A 255 4.97 -13.40 -11.55
N PRO A 256 3.96 -14.10 -11.02
CA PRO A 256 3.28 -15.13 -11.82
C PRO A 256 2.67 -14.58 -13.10
N PHE A 257 2.30 -13.31 -13.13
CA PHE A 257 1.58 -12.73 -14.25
C PHE A 257 2.50 -11.98 -15.22
N THR A 258 3.82 -12.06 -15.03
CA THR A 258 4.78 -11.50 -15.97
C THR A 258 5.90 -12.49 -16.24
N GLU A 259 6.45 -12.42 -17.46
CA GLU A 259 7.56 -13.26 -17.89
C GLU A 259 8.18 -12.66 -19.15
N PRO A 260 9.35 -12.00 -19.05
CA PRO A 260 10.16 -11.84 -17.84
C PRO A 260 9.59 -10.81 -16.86
N SER A 261 10.06 -10.86 -15.62
CA SER A 261 9.62 -9.96 -14.56
C SER A 261 10.79 -9.11 -14.09
N ALA A 262 10.47 -7.97 -13.50
CA ALA A 262 11.50 -7.07 -13.01
C ALA A 262 10.96 -6.25 -11.85
N GLU A 263 11.88 -5.67 -11.09
CA GLU A 263 11.57 -4.68 -10.07
C GLU A 263 12.36 -3.42 -10.38
N VAL A 264 11.74 -2.26 -10.15
CA VAL A 264 12.40 -0.97 -10.34
C VAL A 264 12.65 -0.35 -8.97
N ASP A 265 13.90 0.00 -8.70
CA ASP A 265 14.30 0.69 -7.48
C ASP A 265 14.49 2.17 -7.76
N VAL A 266 14.35 2.96 -6.69
CA VAL A 266 14.65 4.38 -6.71
C VAL A 266 15.64 4.67 -5.59
N TRP A 267 16.64 5.51 -5.87
CA TRP A 267 17.59 5.92 -4.85
C TRP A 267 16.90 6.88 -3.89
N PHE A 268 16.57 6.40 -2.70
CA PHE A 268 15.86 7.18 -1.69
C PHE A 268 16.89 7.85 -0.78
N ALA A 269 17.09 9.15 -0.98
CA ALA A 269 18.11 9.86 -0.21
C ALA A 269 17.74 9.95 1.28
N ASN A 270 16.48 10.27 1.57
CA ASN A 270 16.03 10.50 2.93
C ASN A 270 15.63 9.23 3.66
N LYS A 271 15.99 8.05 3.13
CA LYS A 271 15.65 6.80 3.78
C LYS A 271 16.26 6.74 5.18
N ILE A 272 15.46 6.25 6.14
CA ILE A 272 15.92 6.12 7.51
C ILE A 272 17.10 5.17 7.57
N GLY A 273 18.18 5.61 8.21
CA GLY A 273 19.38 4.82 8.34
C GLY A 273 20.45 5.13 7.30
N GLY A 274 20.13 5.94 6.31
CA GLY A 274 21.07 6.27 5.24
C GLY A 274 20.45 6.03 3.87
N ALA A 275 20.90 6.81 2.90
CA ALA A 275 20.38 6.70 1.54
C ALA A 275 20.65 5.30 0.98
N ALA A 276 19.68 4.79 0.23
CA ALA A 276 19.79 3.44 -0.32
C ALA A 276 18.79 3.29 -1.45
N TRP A 277 19.02 2.28 -2.29
CA TRP A 277 18.01 1.85 -3.23
C TRP A 277 16.82 1.30 -2.48
N VAL A 278 15.62 1.72 -2.87
CA VAL A 278 14.38 1.21 -2.30
C VAL A 278 13.45 0.84 -3.45
N GLU A 279 12.75 -0.29 -3.30
CA GLU A 279 11.86 -0.76 -4.36
C GLU A 279 10.72 0.23 -4.60
N TRP A 280 10.48 0.52 -5.87
CA TRP A 280 9.40 1.41 -6.29
C TRP A 280 8.17 0.64 -6.78
N GLY A 281 8.38 -0.43 -7.55
CA GLY A 281 7.27 -1.24 -8.01
C GLY A 281 7.78 -2.40 -8.83
N GLY A 282 6.84 -3.25 -9.25
CA GLY A 282 7.17 -4.37 -10.10
C GLY A 282 6.66 -4.17 -11.51
N CYS A 283 7.23 -4.91 -12.47
CA CYS A 283 6.83 -4.77 -13.87
C CYS A 283 7.29 -6.01 -14.63
N GLY A 284 6.95 -6.05 -15.91
CA GLY A 284 7.36 -7.14 -16.77
C GLY A 284 6.45 -7.22 -17.98
N MET A 285 6.72 -8.23 -18.80
CA MET A 285 5.91 -8.52 -19.97
C MET A 285 4.75 -9.42 -19.56
N VAL A 286 3.55 -9.07 -20.02
CA VAL A 286 2.35 -9.81 -19.60
C VAL A 286 2.49 -11.28 -19.97
N HIS A 287 2.27 -12.14 -18.99
CA HIS A 287 2.44 -13.57 -19.18
C HIS A 287 1.46 -14.08 -20.23
N PRO A 288 1.89 -14.98 -21.12
CA PRO A 288 0.96 -15.52 -22.13
C PRO A 288 -0.25 -16.21 -21.52
N ASN A 289 -0.11 -16.81 -20.35
CA ASN A 289 -1.26 -17.41 -19.68
C ASN A 289 -2.29 -16.36 -19.27
N VAL A 290 -1.85 -15.14 -18.97
CA VAL A 290 -2.80 -14.06 -18.68
C VAL A 290 -3.58 -13.70 -19.93
N LEU A 291 -2.89 -13.55 -21.07
CA LEU A 291 -3.58 -13.27 -22.32
C LEU A 291 -4.50 -14.42 -22.70
N ARG A 292 -4.10 -15.66 -22.41
N ARG A 292 -4.10 -15.66 -22.41
CA ARG A 292 -4.96 -16.80 -22.69
CA ARG A 292 -4.95 -16.81 -22.68
C ARG A 292 -6.21 -16.78 -21.82
C ARG A 292 -6.21 -16.80 -21.81
N ALA A 293 -6.07 -16.39 -20.55
CA ALA A 293 -7.21 -16.31 -19.64
C ALA A 293 -8.19 -15.21 -19.99
N THR A 294 -7.81 -14.29 -20.89
CA THR A 294 -8.69 -13.21 -21.31
C THR A 294 -9.08 -13.32 -22.78
N GLY A 295 -8.75 -14.44 -23.43
CA GLY A 295 -9.12 -14.65 -24.81
C GLY A 295 -8.30 -13.91 -25.83
N ILE A 296 -7.03 -13.66 -25.53
CA ILE A 296 -6.13 -12.91 -26.41
C ILE A 296 -5.05 -13.86 -26.91
N ASP A 297 -4.79 -13.83 -28.21
CA ASP A 297 -3.79 -14.66 -28.86
C ASP A 297 -2.39 -14.12 -28.58
N PRO A 298 -1.57 -14.86 -27.82
CA PRO A 298 -0.22 -14.36 -27.49
C PRO A 298 0.73 -14.35 -28.69
N ASP A 299 0.37 -14.97 -29.81
CA ASP A 299 1.17 -14.90 -31.02
C ASP A 299 0.92 -13.62 -31.80
N LEU A 300 -0.23 -12.96 -31.59
CA LEU A 300 -0.55 -11.73 -32.27
C LEU A 300 -0.39 -10.48 -31.42
N TYR A 301 -0.46 -10.62 -30.09
CA TYR A 301 -0.36 -9.48 -29.18
C TYR A 301 0.63 -9.80 -28.07
N SER A 302 1.42 -8.78 -27.70
CA SER A 302 2.24 -8.83 -26.49
C SER A 302 1.86 -7.64 -25.62
N GLY A 303 2.42 -7.61 -24.43
CA GLY A 303 2.08 -6.54 -23.50
C GLY A 303 3.05 -6.46 -22.35
N PHE A 304 3.07 -5.27 -21.74
CA PHE A 304 3.79 -5.06 -20.50
C PHE A 304 2.84 -4.47 -19.47
N ALA A 305 3.22 -4.63 -18.20
CA ALA A 305 2.41 -4.13 -17.10
C ALA A 305 3.34 -3.75 -15.96
N PHE A 306 2.89 -2.83 -15.12
CA PHE A 306 3.66 -2.44 -13.94
C PHE A 306 2.71 -2.14 -12.80
N GLY A 307 3.27 -2.09 -11.59
CA GLY A 307 2.52 -1.77 -10.40
C GLY A 307 3.40 -1.13 -9.35
N MET A 308 3.28 0.18 -9.18
CA MET A 308 4.10 0.93 -8.25
C MET A 308 3.28 1.43 -7.07
N GLY A 309 3.95 1.63 -5.94
CA GLY A 309 3.28 2.12 -4.75
C GLY A 309 3.03 3.61 -4.88
N LEU A 310 1.80 4.03 -4.55
CA LEU A 310 1.48 5.45 -4.59
C LEU A 310 2.07 6.19 -3.40
N GLU A 311 1.87 5.65 -2.19
CA GLU A 311 2.54 6.22 -1.03
C GLU A 311 4.05 6.14 -1.18
N ARG A 312 4.56 5.05 -1.75
CA ARG A 312 6.00 4.93 -1.97
C ARG A 312 6.49 6.01 -2.91
N THR A 313 5.73 6.29 -3.98
CA THR A 313 6.06 7.40 -4.87
C THR A 313 6.11 8.72 -4.13
N LEU A 314 5.11 8.96 -3.26
CA LEU A 314 5.07 10.21 -2.51
C LEU A 314 6.28 10.34 -1.59
N GLN A 315 6.69 9.26 -0.94
CA GLN A 315 7.86 9.31 -0.07
C GLN A 315 9.11 9.66 -0.86
N PHE A 316 9.29 9.06 -2.04
CA PHE A 316 10.44 9.40 -2.88
C PHE A 316 10.36 10.84 -3.38
N ARG A 317 9.16 11.29 -3.77
CA ARG A 317 9.04 12.61 -4.39
C ARG A 317 9.25 13.73 -3.38
N ASN A 318 8.65 13.62 -2.20
CA ASN A 318 8.70 14.67 -1.19
C ASN A 318 9.77 14.43 -0.12
N GLY A 319 10.49 13.32 -0.19
CA GLY A 319 11.51 13.03 0.80
C GLY A 319 10.98 12.73 2.17
N ILE A 320 9.83 12.05 2.26
CA ILE A 320 9.19 11.73 3.52
C ILE A 320 9.71 10.37 3.98
N PRO A 321 10.52 10.31 5.04
CA PRO A 321 11.12 9.02 5.43
C PRO A 321 10.14 8.06 6.07
N ASP A 322 9.10 8.56 6.73
CA ASP A 322 8.19 7.75 7.53
C ASP A 322 6.77 8.07 7.11
N MET A 323 6.04 7.07 6.63
CA MET A 323 4.71 7.27 6.09
C MET A 323 3.62 7.29 7.17
N ARG A 324 3.98 7.32 8.45
CA ARG A 324 2.97 7.29 9.51
C ARG A 324 2.00 8.46 9.38
N ASP A 325 2.51 9.68 9.21
CA ASP A 325 1.64 10.84 9.19
C ASP A 325 0.70 10.83 7.99
N MET A 326 1.13 10.30 6.85
CA MET A 326 0.28 10.29 5.66
C MET A 326 -0.82 9.24 5.73
N VAL A 327 -0.79 8.36 6.73
N VAL A 327 -0.84 8.39 6.77
CA VAL A 327 -1.83 7.37 6.93
CA VAL A 327 -1.87 7.37 6.91
C VAL A 327 -2.79 7.75 8.06
C VAL A 327 -2.66 7.50 8.20
N GLU A 328 -2.32 8.42 9.10
CA GLU A 328 -3.06 8.58 10.35
C GLU A 328 -4.18 9.62 10.30
N GLY A 329 -4.23 10.47 9.27
CA GLY A 329 -5.35 11.37 9.11
C GLY A 329 -5.39 12.58 10.02
N ASP A 330 -4.25 13.06 10.48
CA ASP A 330 -4.19 14.32 11.20
C ASP A 330 -4.25 15.47 10.23
N VAL A 331 -5.11 16.45 10.51
CA VAL A 331 -5.30 17.55 9.55
C VAL A 331 -4.02 18.36 9.40
N ARG A 332 -3.14 18.35 10.41
CA ARG A 332 -1.88 19.08 10.30
C ARG A 332 -0.97 18.49 9.24
N PHE A 333 -1.20 17.25 8.83
CA PHE A 333 -0.40 16.68 7.75
C PHE A 333 -0.86 17.17 6.39
N SER A 334 -2.18 17.34 6.20
CA SER A 334 -2.70 17.67 4.88
C SER A 334 -2.63 19.16 4.57
N LEU A 335 -2.97 20.00 5.54
CA LEU A 335 -3.10 21.44 5.30
C LEU A 335 -1.87 22.09 4.67
N PRO A 336 -0.62 21.74 5.01
CA PRO A 336 0.52 22.38 4.34
C PRO A 336 0.61 22.08 2.84
N PHE A 337 -0.12 21.08 2.35
CA PHE A 337 -0.09 20.76 0.93
C PHE A 337 -1.03 21.64 0.11
N GLY A 338 -1.90 22.39 0.75
CA GLY A 338 -2.82 23.26 0.04
C GLY A 338 -4.16 22.58 -0.24
N VAL A 339 -5.08 23.40 -0.76
CA VAL A 339 -6.43 22.92 -1.02
C VAL A 339 -6.42 21.81 -2.07
N GLY A 340 -5.54 21.93 -3.07
CA GLY A 340 -5.53 20.98 -4.16
C GLY A 340 -6.59 21.20 -5.21
N ALA A 341 -7.19 22.38 -5.24
CA ALA A 341 -8.15 22.73 -6.28
C ALA A 341 -7.40 23.08 -7.57
N GLN B 1 9.96 -15.91 5.56
CA GLN B 1 11.33 -16.40 5.61
C GLN B 1 11.43 -17.76 4.92
N SER B 2 10.32 -18.23 4.35
CA SER B 2 10.34 -19.52 3.66
C SER B 2 11.15 -19.47 2.37
N ASN B 3 11.42 -18.28 1.84
CA ASN B 3 12.23 -18.12 0.65
C ASN B 3 13.70 -17.86 0.97
N ALA B 4 14.09 -17.92 2.24
CA ALA B 4 15.44 -17.54 2.62
C ALA B 4 16.45 -18.59 2.17
N MET B 5 17.68 -18.14 1.97
CA MET B 5 18.79 -19.04 1.65
C MET B 5 20.06 -18.41 2.23
N ARG B 6 20.61 -19.03 3.27
CA ARG B 6 21.84 -18.59 3.90
C ARG B 6 22.96 -19.57 3.56
N LEU B 7 24.08 -19.03 3.09
CA LEU B 7 25.25 -19.86 2.78
C LEU B 7 26.49 -18.98 2.82
N PRO B 8 27.63 -19.53 3.23
CA PRO B 8 28.86 -18.73 3.31
C PRO B 8 29.56 -18.63 1.97
N TYR B 9 30.22 -17.49 1.77
CA TYR B 9 30.90 -17.24 0.50
C TYR B 9 32.01 -18.26 0.24
N SER B 10 32.70 -18.71 1.30
CA SER B 10 33.79 -19.67 1.11
C SER B 10 33.29 -20.97 0.49
N TRP B 11 32.06 -21.38 0.81
CA TRP B 11 31.51 -22.58 0.20
C TRP B 11 31.12 -22.34 -1.25
N LEU B 12 30.54 -21.18 -1.55
CA LEU B 12 30.21 -20.83 -2.93
C LEU B 12 31.46 -20.78 -3.78
N ARG B 13 32.51 -20.11 -3.29
CA ARG B 13 33.75 -20.02 -4.05
C ARG B 13 34.31 -21.41 -4.35
N GLU B 14 34.24 -22.32 -3.37
CA GLU B 14 34.81 -23.65 -3.55
C GLU B 14 34.14 -24.39 -4.69
N VAL B 15 32.80 -24.36 -4.75
CA VAL B 15 32.09 -25.08 -5.80
C VAL B 15 32.33 -24.43 -7.16
N VAL B 16 32.43 -23.11 -7.20
CA VAL B 16 32.67 -22.42 -8.46
C VAL B 16 34.11 -22.62 -8.92
N ALA B 17 35.05 -22.66 -7.97
CA ALA B 17 36.46 -22.73 -8.33
C ALA B 17 36.84 -24.07 -8.97
N VAL B 18 36.02 -25.10 -8.81
CA VAL B 18 36.33 -26.40 -9.42
C VAL B 18 36.41 -26.27 -10.93
N GLY B 19 35.44 -25.58 -11.52
CA GLY B 19 35.42 -25.37 -12.95
C GLY B 19 36.18 -24.15 -13.41
N ALA B 20 36.49 -23.26 -12.47
CA ALA B 20 37.24 -22.02 -12.77
C ALA B 20 38.16 -21.75 -11.59
N SER B 21 39.36 -22.34 -11.63
CA SER B 21 40.30 -22.20 -10.53
C SER B 21 40.71 -20.75 -10.34
N GLY B 22 40.82 -20.33 -9.09
CA GLY B 22 41.22 -18.98 -8.76
C GLY B 22 40.11 -17.96 -8.77
N TRP B 23 38.88 -18.35 -9.09
CA TRP B 23 37.76 -17.41 -9.08
C TRP B 23 37.54 -16.89 -7.67
N ASP B 24 37.56 -15.57 -7.53
CA ASP B 24 37.33 -14.92 -6.25
C ASP B 24 36.93 -13.48 -6.51
N VAL B 25 35.83 -13.04 -5.90
CA VAL B 25 35.32 -11.69 -6.07
C VAL B 25 35.04 -11.09 -4.70
N THR B 26 35.06 -9.76 -4.64
CA THR B 26 34.74 -9.07 -3.40
C THR B 26 33.27 -9.31 -3.04
N PRO B 27 32.93 -9.25 -1.75
CA PRO B 27 31.52 -9.40 -1.37
C PRO B 27 30.61 -8.34 -1.98
N GLY B 28 31.13 -7.13 -2.21
CA GLY B 28 30.32 -6.11 -2.84
C GLY B 28 30.02 -6.41 -4.30
N GLU B 29 31.01 -6.93 -5.02
CA GLU B 29 30.78 -7.32 -6.41
C GLU B 29 29.85 -8.51 -6.52
N LEU B 30 30.00 -9.48 -5.60
CA LEU B 30 29.12 -10.64 -5.62
C LEU B 30 27.67 -10.23 -5.38
N GLU B 31 27.44 -9.26 -4.50
CA GLU B 31 26.09 -8.79 -4.25
C GLU B 31 25.47 -8.19 -5.51
N GLN B 32 26.24 -7.36 -6.23
CA GLN B 32 25.73 -6.73 -7.44
C GLN B 32 25.46 -7.75 -8.54
N THR B 33 26.33 -8.76 -8.66
CA THR B 33 26.13 -9.79 -9.68
C THR B 33 24.86 -10.58 -9.41
N LEU B 34 24.61 -10.92 -8.15
CA LEU B 34 23.39 -11.65 -7.80
C LEU B 34 22.15 -10.81 -8.07
N LEU B 35 22.24 -9.49 -7.84
CA LEU B 35 21.10 -8.63 -8.12
C LEU B 35 20.87 -8.48 -9.61
N ARG B 36 21.94 -8.46 -10.40
CA ARG B 36 21.80 -8.25 -11.84
C ARG B 36 21.12 -9.42 -12.53
N ILE B 37 21.22 -10.63 -11.96
CA ILE B 37 20.62 -11.81 -12.54
C ILE B 37 19.33 -12.21 -11.85
N GLY B 38 18.93 -11.52 -10.80
CA GLY B 38 17.62 -11.67 -10.20
C GLY B 38 17.54 -12.27 -8.80
N HIS B 39 18.63 -12.26 -8.04
CA HIS B 39 18.65 -12.84 -6.69
C HIS B 39 18.77 -11.71 -5.67
N GLU B 40 17.69 -11.48 -4.92
CA GLU B 40 17.66 -10.44 -3.92
C GLU B 40 18.59 -10.80 -2.76
N VAL B 41 19.54 -9.92 -2.47
CA VAL B 41 20.47 -10.08 -1.36
C VAL B 41 19.92 -9.28 -0.20
N GLU B 42 19.32 -9.97 0.78
CA GLU B 42 18.70 -9.25 1.89
C GLU B 42 19.74 -8.69 2.85
N GLU B 43 20.83 -9.42 3.06
CA GLU B 43 21.84 -9.00 4.03
C GLU B 43 23.16 -9.67 3.69
N VAL B 44 24.25 -8.96 3.96
CA VAL B 44 25.61 -9.45 3.74
C VAL B 44 26.32 -9.38 5.09
N ILE B 45 26.50 -10.53 5.73
CA ILE B 45 26.98 -10.60 7.11
C ILE B 45 28.45 -11.01 7.09
N PRO B 46 29.39 -10.10 7.37
CA PRO B 46 30.77 -10.51 7.56
C PRO B 46 31.01 -11.04 8.96
N LEU B 47 31.91 -12.02 9.06
CA LEU B 47 32.19 -12.63 10.34
C LEU B 47 33.25 -11.82 11.08
N GLY B 48 33.22 -11.92 12.41
CA GLY B 48 34.13 -11.18 13.25
C GLY B 48 33.72 -9.73 13.37
N PRO B 49 34.70 -8.81 13.31
CA PRO B 49 36.13 -9.14 13.15
C PRO B 49 36.80 -9.43 14.47
N VAL B 50 38.07 -9.84 14.42
CA VAL B 50 38.83 -10.19 15.62
C VAL B 50 40.21 -9.59 15.50
N ASP B 51 40.67 -8.95 16.57
CA ASP B 51 42.01 -8.40 16.65
C ASP B 51 42.65 -8.83 17.96
N GLY B 52 43.97 -8.99 17.93
CA GLY B 52 44.71 -9.35 19.12
C GLY B 52 44.80 -10.85 19.31
N PRO B 53 45.23 -11.28 20.49
CA PRO B 53 45.43 -12.71 20.74
C PRO B 53 44.13 -13.47 20.99
N VAL B 54 43.50 -13.95 19.93
CA VAL B 54 42.37 -14.87 20.02
C VAL B 54 42.86 -16.20 19.48
N THR B 55 43.13 -17.13 20.38
CA THR B 55 43.89 -18.33 20.07
C THR B 55 43.08 -19.57 20.42
N VAL B 56 43.24 -20.62 19.60
CA VAL B 56 42.67 -21.92 19.93
C VAL B 56 43.37 -22.48 21.16
N GLY B 57 42.58 -23.03 22.09
CA GLY B 57 43.14 -23.53 23.33
C GLY B 57 42.63 -24.93 23.63
N ARG B 58 43.32 -25.57 24.58
CA ARG B 58 42.97 -26.91 25.05
C ARG B 58 42.68 -26.83 26.54
N VAL B 59 41.45 -27.16 26.93
CA VAL B 59 41.06 -27.19 28.33
C VAL B 59 41.91 -28.24 29.04
N ALA B 60 42.85 -27.79 29.86
CA ALA B 60 43.80 -28.71 30.49
C ALA B 60 43.36 -29.15 31.88
N ASP B 61 42.77 -28.24 32.67
CA ASP B 61 42.39 -28.57 34.02
C ASP B 61 41.14 -27.80 34.39
N ILE B 62 40.21 -28.46 35.07
CA ILE B 62 38.96 -27.86 35.51
C ILE B 62 38.80 -28.11 37.00
N GLU B 63 38.80 -27.03 37.78
CA GLU B 63 38.58 -27.09 39.22
C GLU B 63 37.26 -26.40 39.54
N GLU B 64 36.30 -27.17 40.04
CA GLU B 64 34.98 -26.63 40.33
C GLU B 64 35.02 -25.75 41.57
N LEU B 65 34.50 -24.53 41.44
CA LEU B 65 34.41 -23.60 42.57
C LEU B 65 33.05 -23.78 43.23
N THR B 66 33.05 -24.32 44.45
CA THR B 66 31.83 -24.60 45.16
C THR B 66 31.45 -23.44 46.08
N GLY B 67 30.17 -23.38 46.44
CA GLY B 67 29.65 -22.40 47.36
C GLY B 67 28.68 -21.41 46.76
N TYR B 68 28.65 -21.29 45.43
CA TYR B 68 27.80 -20.33 44.74
C TYR B 68 26.51 -20.99 44.28
N LYS B 69 25.53 -20.14 43.94
CA LYS B 69 24.26 -20.65 43.42
C LYS B 69 24.38 -21.14 41.98
N LYS B 70 25.44 -20.74 41.27
CA LYS B 70 25.69 -21.17 39.91
C LYS B 70 27.01 -21.93 39.83
N PRO B 71 27.08 -22.99 39.03
CA PRO B 71 28.35 -23.72 38.88
C PRO B 71 29.38 -22.87 38.16
N ILE B 72 30.48 -22.57 38.85
CA ILE B 72 31.56 -21.77 38.29
C ILE B 72 32.83 -22.62 38.26
N ARG B 73 33.58 -22.51 37.18
CA ARG B 73 34.78 -23.31 36.96
C ARG B 73 36.00 -22.42 36.83
N ALA B 74 37.11 -22.86 37.43
CA ALA B 74 38.42 -22.23 37.27
C ALA B 74 39.25 -23.15 36.37
N CYS B 75 39.49 -22.71 35.14
CA CYS B 75 40.10 -23.56 34.13
C CYS B 75 41.51 -23.11 33.78
N ALA B 76 42.37 -24.07 33.49
CA ALA B 76 43.69 -23.83 32.90
C ALA B 76 43.67 -24.30 31.46
N VAL B 77 44.04 -23.43 30.54
CA VAL B 77 43.94 -23.69 29.11
C VAL B 77 45.33 -23.60 28.49
N ASP B 78 45.67 -24.58 27.66
CA ASP B 78 46.92 -24.56 26.90
C ASP B 78 46.71 -23.73 25.64
N ILE B 79 47.42 -22.60 25.55
CA ILE B 79 47.29 -21.70 24.40
C ILE B 79 48.39 -21.94 23.37
N GLY B 80 49.13 -23.04 23.49
CA GLY B 80 50.21 -23.32 22.54
C GLY B 80 51.52 -23.58 23.24
N ASP B 81 52.24 -24.62 22.79
CA ASP B 81 53.52 -25.02 23.38
C ASP B 81 53.42 -25.26 24.88
N ARG B 82 52.24 -25.68 25.35
CA ARG B 82 51.98 -25.97 26.75
C ARG B 82 52.26 -24.76 27.64
N GLN B 83 51.86 -23.58 27.16
CA GLN B 83 51.89 -22.35 27.96
C GLN B 83 50.47 -22.13 28.48
N TYR B 84 50.28 -22.29 29.78
CA TYR B 84 48.94 -22.34 30.36
C TYR B 84 48.48 -20.96 30.81
N ARG B 85 47.17 -20.75 30.73
CA ARG B 85 46.52 -19.54 31.20
C ARG B 85 45.34 -19.91 32.08
N GLU B 86 45.16 -19.19 33.18
CA GLU B 86 44.06 -19.43 34.10
C GLU B 86 42.84 -18.63 33.64
N ILE B 87 41.72 -19.32 33.43
CA ILE B 87 40.50 -18.72 32.90
C ILE B 87 39.35 -19.04 33.84
N ILE B 88 38.54 -18.02 34.16
CA ILE B 88 37.32 -18.21 34.93
C ILE B 88 36.15 -18.22 33.96
N CYS B 89 35.42 -19.32 33.92
CA CYS B 89 34.30 -19.48 33.00
C CYS B 89 33.09 -20.05 33.74
N GLY B 90 31.91 -19.59 33.36
CA GLY B 90 30.67 -20.05 33.94
C GLY B 90 29.91 -21.07 33.13
N ALA B 91 30.43 -21.46 31.96
CA ALA B 91 29.78 -22.47 31.14
C ALA B 91 30.05 -23.87 31.67
N THR B 92 29.28 -24.84 31.17
CA THR B 92 29.41 -26.22 31.62
C THR B 92 29.54 -27.23 30.48
N ASN B 93 29.37 -26.81 29.22
CA ASN B 93 29.35 -27.73 28.09
C ASN B 93 30.74 -28.10 27.57
N PHE B 94 31.70 -28.31 28.45
CA PHE B 94 33.04 -28.68 28.03
C PHE B 94 33.73 -29.44 29.16
N ALA B 95 34.72 -30.24 28.78
CA ALA B 95 35.52 -31.02 29.72
C ALA B 95 36.99 -30.87 29.39
N VAL B 96 37.84 -31.54 30.16
CA VAL B 96 39.27 -31.48 29.93
C VAL B 96 39.61 -32.14 28.60
N GLY B 97 40.41 -31.45 27.79
CA GLY B 97 40.81 -31.95 26.49
C GLY B 97 40.04 -31.36 25.32
N ASP B 98 38.94 -30.66 25.57
CA ASP B 98 38.16 -30.08 24.49
C ASP B 98 38.86 -28.87 23.90
N LEU B 99 38.63 -28.64 22.61
CA LEU B 99 39.16 -27.48 21.91
C LEU B 99 38.23 -26.29 22.12
N VAL B 100 38.77 -25.19 22.65
CA VAL B 100 38.00 -23.97 22.89
C VAL B 100 38.79 -22.79 22.34
N VAL B 101 38.06 -21.70 22.09
CA VAL B 101 38.65 -20.46 21.58
C VAL B 101 38.68 -19.46 22.72
N VAL B 102 39.88 -19.07 23.14
CA VAL B 102 40.07 -18.15 24.25
C VAL B 102 40.53 -16.81 23.72
N ALA B 103 40.06 -15.73 24.35
CA ALA B 103 40.47 -14.38 24.02
C ALA B 103 41.35 -13.87 25.16
N LEU B 104 42.64 -13.75 24.90
CA LEU B 104 43.60 -13.32 25.90
C LEU B 104 43.56 -11.80 26.08
N PRO B 105 44.09 -11.29 27.19
CA PRO B 105 44.12 -9.84 27.39
C PRO B 105 44.82 -9.13 26.24
N GLY B 106 44.22 -8.02 25.81
CA GLY B 106 44.67 -7.29 24.64
C GLY B 106 43.86 -7.55 23.40
N ALA B 107 43.16 -8.69 23.33
CA ALA B 107 42.35 -9.01 22.18
C ALA B 107 41.09 -8.15 22.14
N THR B 108 40.46 -8.11 20.97
CA THR B 108 39.25 -7.33 20.76
C THR B 108 38.21 -8.23 20.10
N LEU B 109 37.05 -8.37 20.75
CA LEU B 109 35.93 -9.16 20.26
C LEU B 109 34.84 -8.26 19.70
N PRO B 110 34.02 -8.77 18.77
CA PRO B 110 32.90 -7.96 18.25
C PRO B 110 31.89 -7.66 19.36
N GLY B 111 31.58 -6.38 19.52
CA GLY B 111 32.20 -5.31 18.76
C GLY B 111 32.79 -4.24 19.66
N GLY B 112 34.12 -4.23 19.75
CA GLY B 112 34.82 -3.28 20.59
C GLY B 112 35.08 -3.73 22.02
N PHE B 113 34.67 -4.94 22.38
CA PHE B 113 34.87 -5.45 23.74
C PHE B 113 36.32 -5.90 23.88
N THR B 114 37.11 -5.12 24.61
CA THR B 114 38.53 -5.43 24.80
C THR B 114 38.71 -6.28 26.06
N ILE B 115 39.50 -7.34 25.94
CA ILE B 115 39.74 -8.27 27.04
C ILE B 115 40.87 -7.74 27.90
N SER B 116 40.70 -7.84 29.22
CA SER B 116 41.71 -7.40 30.17
C SER B 116 41.90 -8.47 31.24
N ALA B 117 43.11 -8.53 31.78
CA ALA B 117 43.41 -9.46 32.86
C ALA B 117 42.72 -9.00 34.13
N ARG B 118 41.71 -9.74 34.57
CA ARG B 118 40.92 -9.40 35.74
C ARG B 118 40.98 -10.53 36.75
N LYS B 119 40.47 -10.25 37.95
CA LYS B 119 40.32 -11.23 39.02
C LYS B 119 38.84 -11.38 39.33
N ALA B 120 38.31 -12.58 39.14
CA ALA B 120 36.91 -12.87 39.40
C ALA B 120 36.82 -14.11 40.27
N TYR B 121 35.83 -14.11 41.18
CA TYR B 121 35.60 -15.22 42.11
C TYR B 121 36.83 -15.54 42.93
N GLY B 122 37.65 -14.52 43.24
CA GLY B 122 38.83 -14.72 44.05
C GLY B 122 39.94 -15.51 43.39
N ARG B 123 39.93 -15.60 42.05
CA ARG B 123 40.94 -16.34 41.31
C ARG B 123 41.47 -15.47 40.18
N ASN B 124 42.61 -15.90 39.62
CA ASN B 124 43.19 -15.21 38.47
C ASN B 124 42.44 -15.57 37.19
N SER B 125 42.35 -14.60 36.29
CA SER B 125 41.65 -14.79 35.01
C SER B 125 42.43 -14.05 33.92
N ASP B 126 43.18 -14.80 33.13
CA ASP B 126 43.97 -14.24 32.02
C ASP B 126 43.21 -14.36 30.70
N GLY B 127 41.95 -13.92 30.67
CA GLY B 127 41.15 -13.95 29.48
C GLY B 127 39.82 -14.61 29.74
N MET B 128 39.21 -15.12 28.67
CA MET B 128 37.90 -15.73 28.73
C MET B 128 37.78 -16.81 27.67
N ILE B 129 36.92 -17.79 27.93
CA ILE B 129 36.58 -18.80 26.93
C ILE B 129 35.36 -18.31 26.17
N CYS B 130 35.51 -18.13 24.86
CA CYS B 130 34.50 -17.45 24.06
C CYS B 130 33.39 -18.41 23.64
N SER B 131 32.21 -17.84 23.43
CA SER B 131 31.07 -18.55 22.88
C SER B 131 30.92 -18.23 21.39
N ALA B 132 30.00 -18.94 20.74
CA ALA B 132 29.77 -18.71 19.32
C ALA B 132 29.22 -17.31 19.06
N ALA B 133 28.41 -16.79 19.97
CA ALA B 133 27.84 -15.46 19.79
C ALA B 133 28.85 -14.37 20.05
N GLU B 134 29.69 -14.53 21.09
CA GLU B 134 30.69 -13.53 21.41
C GLU B 134 31.76 -13.40 20.34
N LEU B 135 31.93 -14.42 19.50
CA LEU B 135 32.87 -14.37 18.39
C LEU B 135 32.24 -13.93 17.09
N ASN B 136 30.95 -13.58 17.10
CA ASN B 136 30.20 -13.25 15.88
C ASN B 136 30.34 -14.37 14.84
N LEU B 137 30.23 -15.61 15.31
CA LEU B 137 30.33 -16.78 14.45
C LEU B 137 28.98 -17.45 14.25
N GLY B 138 28.38 -17.99 15.31
CA GLY B 138 27.10 -18.64 15.20
C GLY B 138 26.02 -17.95 15.99
N ALA B 139 24.85 -18.58 16.05
CA ALA B 139 23.73 -18.01 16.79
C ALA B 139 23.99 -18.11 18.30
N ASP B 140 23.22 -17.33 19.05
CA ASP B 140 23.32 -17.33 20.51
C ASP B 140 22.76 -18.64 21.05
N HIS B 141 23.63 -19.58 21.37
CA HIS B 141 23.25 -20.85 21.97
C HIS B 141 23.84 -20.95 23.37
N SER B 142 23.43 -21.99 24.09
CA SER B 142 23.85 -22.16 25.48
C SER B 142 25.23 -22.76 25.56
N GLY B 143 26.12 -22.13 26.33
CA GLY B 143 27.46 -22.61 26.54
C GLY B 143 28.49 -21.86 25.70
N ILE B 144 29.72 -22.33 25.79
CA ILE B 144 30.82 -21.78 25.03
C ILE B 144 31.04 -22.64 23.80
N LEU B 145 31.88 -22.15 22.88
CA LEU B 145 32.16 -22.86 21.63
C LEU B 145 33.17 -23.96 21.86
N VAL B 146 32.80 -25.19 21.54
CA VAL B 146 33.66 -26.35 21.66
C VAL B 146 33.89 -26.89 20.25
N LEU B 147 35.11 -26.71 19.74
CA LEU B 147 35.45 -27.27 18.44
C LEU B 147 35.57 -28.79 18.55
N PRO B 148 35.20 -29.52 17.49
CA PRO B 148 35.30 -30.97 17.53
C PRO B 148 36.75 -31.41 17.63
N PRO B 149 37.00 -32.63 18.11
CA PRO B 149 38.39 -33.09 18.27
C PRO B 149 39.14 -33.09 16.95
N GLY B 150 40.42 -32.73 17.02
CA GLY B 150 41.27 -32.69 15.85
C GLY B 150 41.03 -31.52 14.92
N ALA B 151 40.20 -30.54 15.31
CA ALA B 151 39.91 -29.42 14.42
C ALA B 151 41.14 -28.54 14.23
N ALA B 152 41.94 -28.37 15.28
CA ALA B 152 43.14 -27.54 15.20
C ALA B 152 44.05 -27.89 16.37
N GLU B 153 45.29 -27.43 16.29
CA GLU B 153 46.25 -27.61 17.38
C GLU B 153 46.18 -26.43 18.35
N PRO B 154 46.41 -26.69 19.63
CA PRO B 154 46.45 -25.58 20.61
C PRO B 154 47.54 -24.59 20.26
N GLY B 155 47.13 -23.35 20.02
CA GLY B 155 48.03 -22.29 19.57
C GLY B 155 47.69 -21.72 18.21
N ALA B 156 46.78 -22.35 17.47
CA ALA B 156 46.43 -21.89 16.13
C ALA B 156 45.66 -20.57 16.20
N ASP B 157 45.75 -19.81 15.11
CA ASP B 157 45.06 -18.53 15.05
C ASP B 157 43.55 -18.72 15.05
N GLY B 158 42.86 -18.04 15.96
CA GLY B 158 41.43 -18.23 16.09
C GLY B 158 40.68 -17.82 14.83
N ALA B 159 41.02 -16.66 14.27
CA ALA B 159 40.32 -16.18 13.08
C ALA B 159 40.55 -17.11 11.89
N GLY B 160 41.71 -17.76 11.82
CA GLY B 160 41.96 -18.66 10.71
C GLY B 160 41.19 -19.97 10.83
N VAL B 161 41.18 -20.55 12.03
CA VAL B 161 40.47 -21.82 12.22
C VAL B 161 38.96 -21.61 12.08
N LEU B 162 38.44 -20.56 12.71
CA LEU B 162 37.02 -20.27 12.63
C LEU B 162 36.61 -19.71 11.27
N GLY B 163 37.57 -19.29 10.45
CA GLY B 163 37.26 -18.70 9.16
C GLY B 163 36.50 -17.39 9.29
N LEU B 164 36.96 -16.51 10.18
CA LEU B 164 36.28 -15.26 10.44
C LEU B 164 36.41 -14.26 9.30
N ASP B 165 37.29 -14.51 8.33
CA ASP B 165 37.37 -13.66 7.15
C ASP B 165 36.30 -13.98 6.13
N ASP B 166 35.47 -14.99 6.39
CA ASP B 166 34.39 -15.37 5.49
C ASP B 166 33.24 -14.37 5.58
N VAL B 167 32.35 -14.44 4.59
CA VAL B 167 31.18 -13.57 4.52
C VAL B 167 29.97 -14.44 4.22
N VAL B 168 28.89 -14.24 4.97
CA VAL B 168 27.67 -15.01 4.80
C VAL B 168 26.65 -14.15 4.05
N PHE B 169 26.01 -14.74 3.04
CA PHE B 169 25.02 -14.05 2.22
C PHE B 169 23.63 -14.60 2.52
N HIS B 170 22.71 -13.69 2.87
CA HIS B 170 21.30 -14.05 3.08
C HIS B 170 20.52 -13.62 1.84
N LEU B 171 20.02 -14.59 1.10
CA LEU B 171 19.31 -14.33 -0.15
C LEU B 171 17.84 -14.64 -0.01
N ALA B 172 17.01 -13.85 -0.67
CA ALA B 172 15.57 -14.11 -0.77
C ALA B 172 15.32 -14.65 -2.17
N ILE B 173 15.18 -15.96 -2.28
CA ILE B 173 15.03 -16.61 -3.58
C ILE B 173 13.56 -16.57 -3.98
N THR B 174 13.29 -16.10 -5.21
CA THR B 174 11.92 -16.07 -5.70
C THR B 174 11.38 -17.49 -5.85
N PRO B 175 10.07 -17.68 -5.64
CA PRO B 175 9.51 -19.04 -5.59
C PRO B 175 9.53 -19.79 -6.91
N ASP B 176 9.99 -19.18 -8.00
CA ASP B 176 10.11 -19.88 -9.28
C ASP B 176 11.48 -20.49 -9.50
N ARG B 177 12.41 -20.30 -8.56
CA ARG B 177 13.79 -20.77 -8.70
C ARG B 177 14.17 -21.63 -7.50
N GLY B 178 13.40 -22.71 -7.29
CA GLY B 178 13.68 -23.61 -6.19
C GLY B 178 15.05 -24.26 -6.31
N TYR B 179 15.57 -24.38 -7.53
CA TYR B 179 16.91 -24.94 -7.71
C TYR B 179 17.98 -24.08 -7.07
N CYS B 180 17.70 -22.82 -6.80
CA CYS B 180 18.65 -21.91 -6.18
C CYS B 180 18.65 -22.01 -4.65
N MET B 181 17.87 -22.93 -4.09
CA MET B 181 17.87 -23.19 -2.64
C MET B 181 19.02 -24.09 -2.21
N SER B 182 20.19 -23.93 -2.81
CA SER B 182 21.31 -24.80 -2.54
C SER B 182 22.58 -24.14 -3.07
N VAL B 183 23.72 -24.67 -2.64
CA VAL B 183 24.99 -24.20 -3.18
C VAL B 183 25.12 -24.60 -4.64
N ARG B 184 24.54 -25.74 -5.02
CA ARG B 184 24.60 -26.20 -6.41
C ARG B 184 23.98 -25.18 -7.35
N GLY B 185 22.75 -24.74 -7.06
CA GLY B 185 22.07 -23.83 -7.96
C GLY B 185 22.72 -22.46 -8.01
N LEU B 186 23.09 -21.91 -6.85
CA LEU B 186 23.68 -20.58 -6.81
C LEU B 186 25.07 -20.56 -7.44
N ALA B 187 25.85 -21.62 -7.25
CA ALA B 187 27.14 -21.70 -7.92
C ALA B 187 26.98 -21.83 -9.43
N ARG B 188 25.94 -22.53 -9.89
CA ARG B 188 25.66 -22.59 -11.32
C ARG B 188 25.30 -21.21 -11.87
N GLU B 189 24.49 -20.44 -11.13
CA GLU B 189 24.11 -19.10 -11.57
C GLU B 189 25.33 -18.19 -11.68
N LEU B 190 26.28 -18.33 -10.75
CA LEU B 190 27.50 -17.53 -10.82
C LEU B 190 28.35 -17.93 -12.03
N ALA B 191 28.39 -19.23 -12.36
CA ALA B 191 29.09 -19.66 -13.55
C ALA B 191 28.42 -19.12 -14.81
N CYS B 192 27.09 -19.00 -14.81
CA CYS B 192 26.41 -18.37 -15.93
C CYS B 192 26.72 -16.89 -16.00
N ALA B 193 26.70 -16.21 -14.84
CA ALA B 193 26.91 -14.77 -14.82
C ALA B 193 28.34 -14.39 -15.17
N TYR B 194 29.30 -15.24 -14.83
CA TYR B 194 30.71 -14.96 -15.09
C TYR B 194 31.27 -15.75 -16.26
N ASP B 195 30.41 -16.44 -17.02
CA ASP B 195 30.82 -17.18 -18.22
C ASP B 195 31.95 -18.16 -17.90
N LEU B 196 31.77 -18.92 -16.82
CA LEU B 196 32.74 -19.89 -16.36
C LEU B 196 32.28 -21.31 -16.70
N ASP B 197 33.25 -22.19 -16.89
CA ASP B 197 32.94 -23.61 -16.93
C ASP B 197 32.46 -24.07 -15.56
N PHE B 198 31.36 -24.81 -15.53
CA PHE B 198 30.76 -25.26 -14.28
C PHE B 198 30.87 -26.78 -14.19
N VAL B 199 31.29 -27.25 -13.03
CA VAL B 199 31.32 -28.67 -12.71
C VAL B 199 30.22 -28.93 -11.69
N ASP B 200 29.21 -29.68 -12.09
CA ASP B 200 28.06 -29.96 -11.23
C ASP B 200 28.49 -30.79 -10.03
N PRO B 201 28.30 -30.32 -8.79
CA PRO B 201 28.72 -31.11 -7.62
C PRO B 201 27.82 -32.30 -7.32
N ALA B 202 26.91 -32.64 -8.24
CA ALA B 202 26.01 -33.77 -8.06
C ALA B 202 26.13 -34.79 -9.18
N SER B 203 27.09 -34.64 -10.09
CA SER B 203 27.22 -35.56 -11.21
C SER B 203 27.80 -36.90 -10.77
N ASN B 204 27.70 -37.89 -11.66
CA ASN B 204 28.20 -39.22 -11.35
C ASN B 204 29.72 -39.27 -11.36
N SER B 205 30.34 -38.61 -12.34
CA SER B 205 31.80 -38.59 -12.42
C SER B 205 32.44 -37.76 -11.32
N ARG B 206 31.65 -36.98 -10.58
CA ARG B 206 32.18 -36.16 -9.50
C ARG B 206 32.45 -37.01 -8.26
N PRO B 208 32.37 -42.00 -8.42
CA PRO B 208 31.59 -43.09 -9.03
C PRO B 208 30.36 -43.47 -8.22
N PRO B 209 29.33 -43.97 -8.90
CA PRO B 209 28.13 -44.41 -8.18
C PRO B 209 28.38 -45.65 -7.35
N LEU B 210 27.64 -45.76 -6.26
CA LEU B 210 27.74 -46.94 -5.40
C LEU B 210 27.06 -48.13 -6.07
N PRO B 211 27.51 -49.35 -5.76
CA PRO B 211 26.97 -50.52 -6.45
C PRO B 211 25.52 -50.80 -6.07
N ILE B 212 24.81 -51.45 -6.98
CA ILE B 212 23.40 -51.81 -6.80
C ILE B 212 23.31 -53.33 -6.97
N GLU B 213 23.25 -54.05 -5.84
CA GLU B 213 23.10 -55.50 -5.87
C GLU B 213 21.64 -55.92 -5.80
N GLY B 214 20.85 -55.28 -4.94
CA GLY B 214 19.46 -55.59 -4.79
C GLY B 214 18.74 -54.54 -3.98
N PRO B 215 17.47 -54.81 -3.64
CA PRO B 215 16.72 -53.84 -2.84
C PRO B 215 17.30 -53.69 -1.44
N ALA B 216 17.16 -52.48 -0.88
CA ALA B 216 17.63 -52.18 0.46
C ALA B 216 16.58 -52.39 1.54
N TRP B 217 15.30 -52.28 1.20
CA TRP B 217 14.24 -52.45 2.19
C TRP B 217 12.93 -52.62 1.45
N PRO B 218 12.02 -53.47 1.93
CA PRO B 218 10.72 -53.61 1.26
C PRO B 218 9.97 -52.29 1.25
N LEU B 219 9.40 -51.96 0.09
CA LEU B 219 8.75 -50.66 -0.10
C LEU B 219 7.56 -50.81 -1.03
N THR B 220 6.41 -50.29 -0.59
CA THR B 220 5.22 -50.21 -1.43
C THR B 220 4.75 -48.76 -1.46
N VAL B 221 4.52 -48.25 -2.68
CA VAL B 221 4.21 -46.84 -2.89
C VAL B 221 2.85 -46.74 -3.57
N GLN B 222 1.93 -46.03 -2.93
CA GLN B 222 0.65 -45.72 -3.57
C GLN B 222 0.91 -44.65 -4.64
N PRO B 223 0.62 -44.92 -5.92
CA PRO B 223 0.98 -43.95 -6.97
C PRO B 223 0.20 -42.66 -6.92
N GLU B 224 -1.00 -42.66 -6.31
CA GLU B 224 -1.82 -41.46 -6.29
C GLU B 224 -1.30 -40.41 -5.31
N THR B 225 -0.31 -40.73 -4.49
CA THR B 225 0.23 -39.78 -3.54
C THR B 225 1.07 -38.70 -4.19
N GLY B 226 1.36 -38.81 -5.48
CA GLY B 226 2.15 -37.81 -6.18
C GLY B 226 3.64 -37.99 -6.06
N VAL B 227 4.11 -39.02 -5.35
CA VAL B 227 5.55 -39.24 -5.21
C VAL B 227 6.15 -39.57 -6.57
N ARG B 228 7.24 -38.89 -6.92
CA ARG B 228 7.92 -39.11 -8.18
C ARG B 228 9.12 -40.05 -8.05
N ARG B 229 9.73 -40.11 -6.88
CA ARG B 229 10.89 -40.98 -6.68
C ARG B 229 11.04 -41.26 -5.18
N PHE B 230 11.56 -42.44 -4.88
CA PHE B 230 11.83 -42.84 -3.49
C PHE B 230 13.05 -43.75 -3.48
N ALA B 231 14.12 -43.30 -2.82
CA ALA B 231 15.38 -44.01 -2.81
C ALA B 231 15.82 -44.29 -1.38
N LEU B 232 16.40 -45.47 -1.16
CA LEU B 232 16.84 -45.90 0.16
C LEU B 232 18.15 -46.67 0.04
N ARG B 233 19.18 -46.23 0.77
CA ARG B 233 20.44 -46.96 0.85
C ARG B 233 20.89 -46.94 2.31
N PRO B 234 21.21 -48.10 2.89
CA PRO B 234 21.60 -48.15 4.30
C PRO B 234 23.10 -48.04 4.51
N VAL B 235 23.46 -47.59 5.71
CA VAL B 235 24.84 -47.53 6.18
C VAL B 235 24.86 -48.17 7.56
N ILE B 236 25.53 -49.32 7.67
CA ILE B 236 25.46 -50.16 8.86
C ILE B 236 26.75 -50.03 9.65
N GLY B 237 26.64 -50.06 10.97
CA GLY B 237 27.78 -50.12 11.86
C GLY B 237 28.59 -48.84 11.96
N ILE B 238 27.95 -47.74 12.34
CA ILE B 238 28.64 -46.48 12.55
C ILE B 238 28.94 -46.34 14.05
N ASP B 239 29.79 -45.36 14.38
CA ASP B 239 30.15 -45.10 15.76
C ASP B 239 29.21 -44.04 16.32
N PRO B 240 28.37 -44.36 17.31
CA PRO B 240 27.49 -43.33 17.89
C PRO B 240 28.24 -42.21 18.57
N ALA B 241 29.41 -42.49 19.14
CA ALA B 241 30.22 -41.48 19.81
C ALA B 241 31.00 -40.59 18.85
N ALA B 242 30.89 -40.83 17.54
CA ALA B 242 31.61 -40.01 16.58
C ALA B 242 30.88 -38.70 16.35
N VAL B 243 31.66 -37.66 16.03
CA VAL B 243 31.13 -36.33 15.79
C VAL B 243 31.56 -35.87 14.40
N SER B 244 30.91 -34.81 13.93
CA SER B 244 31.21 -34.26 12.61
C SER B 244 32.43 -33.33 12.70
N PRO B 245 33.27 -33.31 11.67
CA PRO B 245 34.45 -32.43 11.69
C PRO B 245 34.04 -30.96 11.69
N TRP B 246 35.04 -30.11 11.91
CA TRP B 246 34.76 -28.69 12.09
C TRP B 246 34.31 -28.03 10.79
N TRP B 247 34.88 -28.43 9.66
CA TRP B 247 34.47 -27.82 8.39
C TRP B 247 33.00 -28.09 8.10
N LEU B 248 32.50 -29.26 8.48
CA LEU B 248 31.10 -29.58 8.25
C LEU B 248 30.18 -28.88 9.24
N GLN B 249 30.54 -28.89 10.52
CA GLN B 249 29.71 -28.23 11.53
C GLN B 249 29.71 -26.72 11.33
N ARG B 250 30.84 -26.14 10.92
CA ARG B 250 30.91 -24.71 10.68
C ARG B 250 30.01 -24.30 9.51
N ARG B 251 30.03 -25.09 8.43
CA ARG B 251 29.21 -24.74 7.27
C ARG B 251 27.72 -24.89 7.58
N LEU B 252 27.35 -25.90 8.36
CA LEU B 252 25.97 -25.98 8.84
C LEU B 252 25.63 -24.79 9.71
N LEU B 253 26.55 -24.40 10.60
CA LEU B 253 26.31 -23.28 11.50
C LEU B 253 26.09 -21.99 10.73
N LEU B 254 26.91 -21.72 9.71
CA LEU B 254 26.78 -20.50 8.94
C LEU B 254 25.54 -20.49 8.06
N CYS B 255 24.92 -21.65 7.84
CA CYS B 255 23.69 -21.75 7.06
C CYS B 255 22.45 -21.78 7.94
N GLY B 256 22.59 -21.66 9.25
CA GLY B 256 21.46 -21.61 10.15
C GLY B 256 21.03 -22.94 10.73
N ILE B 257 21.80 -23.99 10.55
CA ILE B 257 21.46 -25.33 11.02
C ILE B 257 22.46 -25.73 12.08
N ARG B 258 21.94 -26.11 13.26
CA ARG B 258 22.79 -26.54 14.36
C ARG B 258 23.08 -28.04 14.23
N ALA B 259 24.34 -28.41 14.35
CA ALA B 259 24.75 -29.80 14.20
C ALA B 259 24.35 -30.61 15.42
N THR B 260 23.97 -31.87 15.19
CA THR B 260 23.60 -32.79 16.26
C THR B 260 24.50 -34.02 16.25
N CYS B 261 24.35 -34.91 15.27
CA CYS B 261 25.17 -36.09 15.13
C CYS B 261 25.49 -36.28 13.65
N PRO B 262 26.57 -37.02 13.33
CA PRO B 262 26.93 -37.19 11.91
C PRO B 262 25.82 -37.77 11.05
N ALA B 263 24.96 -38.62 11.61
CA ALA B 263 23.87 -39.19 10.82
C ALA B 263 22.91 -38.11 10.34
N VAL B 264 22.64 -37.12 11.20
CA VAL B 264 21.76 -36.02 10.82
C VAL B 264 22.52 -34.91 10.10
N ASP B 265 23.79 -34.69 10.45
CA ASP B 265 24.55 -33.60 9.86
C ASP B 265 24.75 -33.81 8.36
N VAL B 266 24.98 -35.06 7.93
CA VAL B 266 25.20 -35.31 6.51
C VAL B 266 23.92 -35.12 5.72
N THR B 267 22.76 -35.39 6.33
CA THR B 267 21.50 -35.17 5.64
C THR B 267 21.25 -33.68 5.41
N ASN B 268 21.64 -32.85 6.37
CA ASN B 268 21.48 -31.40 6.21
C ASN B 268 22.57 -30.81 5.33
N TYR B 269 23.79 -31.35 5.42
CA TYR B 269 24.88 -30.83 4.60
C TYR B 269 24.62 -31.10 3.12
N VAL B 270 24.18 -32.30 2.78
CA VAL B 270 23.89 -32.63 1.39
C VAL B 270 22.66 -31.87 0.91
N MET B 271 21.70 -31.60 1.80
CA MET B 271 20.55 -30.79 1.41
C MET B 271 20.97 -29.38 1.02
N LEU B 272 21.88 -28.77 1.79
CA LEU B 272 22.35 -27.44 1.46
C LEU B 272 23.24 -27.44 0.23
N GLU B 273 24.04 -28.50 0.04
CA GLU B 273 24.98 -28.52 -1.07
C GLU B 273 24.28 -28.80 -2.39
N LEU B 274 23.45 -29.83 -2.45
CA LEU B 274 22.85 -30.27 -3.71
C LEU B 274 21.39 -29.86 -3.87
N GLY B 275 20.69 -29.53 -2.80
CA GLY B 275 19.31 -29.11 -2.89
C GLY B 275 18.29 -30.20 -2.67
N HIS B 276 18.72 -31.45 -2.49
CA HIS B 276 17.80 -32.56 -2.28
C HIS B 276 17.73 -32.87 -0.79
N PRO B 277 16.57 -32.70 -0.16
CA PRO B 277 16.47 -33.04 1.28
C PRO B 277 16.71 -34.53 1.51
N MET B 278 17.36 -34.82 2.63
CA MET B 278 17.68 -36.19 3.02
C MET B 278 17.16 -36.44 4.43
N HIS B 279 16.74 -37.67 4.69
CA HIS B 279 16.27 -38.07 6.02
C HIS B 279 16.94 -39.36 6.43
N ALA B 280 17.33 -39.44 7.70
CA ALA B 280 18.02 -40.59 8.25
C ALA B 280 17.09 -41.35 9.17
N HIS B 281 16.91 -42.64 8.90
CA HIS B 281 16.13 -43.54 9.75
C HIS B 281 17.05 -44.50 10.48
N ASP B 282 16.55 -45.06 11.58
CA ASP B 282 17.23 -46.14 12.28
C ASP B 282 16.76 -47.45 11.65
N ARG B 283 17.68 -48.17 11.01
CA ARG B 283 17.31 -49.38 10.27
C ARG B 283 16.71 -50.43 11.22
N ASN B 284 17.21 -50.51 12.44
CA ASN B 284 16.72 -51.50 13.40
C ASN B 284 15.47 -51.04 14.12
N ARG B 285 14.94 -49.86 13.81
CA ARG B 285 13.70 -49.38 14.39
C ARG B 285 12.54 -49.38 13.39
N ILE B 286 12.78 -49.81 12.16
CA ILE B 286 11.71 -49.99 11.17
C ILE B 286 11.19 -51.41 11.29
N SER B 287 9.87 -51.55 11.41
CA SER B 287 9.23 -52.85 11.59
C SER B 287 8.39 -53.15 10.35
N GLY B 288 8.99 -53.87 9.41
CA GLY B 288 8.28 -54.36 8.25
C GLY B 288 8.42 -53.46 7.03
N THR B 289 7.53 -53.69 6.08
CA THR B 289 7.57 -52.98 4.81
C THR B 289 7.19 -51.51 4.99
N LEU B 290 8.03 -50.62 4.45
CA LEU B 290 7.73 -49.20 4.44
C LEU B 290 6.66 -48.91 3.39
N GLY B 291 5.64 -48.15 3.78
CA GLY B 291 4.54 -47.83 2.88
C GLY B 291 4.31 -46.34 2.77
N VAL B 292 4.03 -45.91 1.54
CA VAL B 292 3.67 -44.53 1.24
C VAL B 292 2.22 -44.50 0.84
N ARG B 293 1.39 -43.80 1.62
CA ARG B 293 -0.05 -43.79 1.39
C ARG B 293 -0.62 -42.51 1.99
N PHE B 294 -1.86 -42.21 1.59
CA PHE B 294 -2.60 -41.11 2.18
C PHE B 294 -3.02 -41.46 3.61
N ALA B 295 -3.21 -40.43 4.43
CA ALA B 295 -3.67 -40.63 5.78
C ALA B 295 -5.17 -40.94 5.79
N ARG B 296 -5.62 -41.56 6.88
CA ARG B 296 -7.02 -41.89 7.04
C ARG B 296 -7.77 -40.74 7.71
N SER B 297 -9.09 -40.87 7.78
CA SER B 297 -9.93 -39.85 8.40
C SER B 297 -9.64 -39.78 9.88
N GLY B 298 -9.03 -38.68 10.31
CA GLY B 298 -8.71 -38.51 11.73
C GLY B 298 -7.50 -39.26 12.20
N GLU B 299 -6.67 -39.75 11.29
CA GLU B 299 -5.44 -40.44 11.68
C GLU B 299 -4.48 -39.46 12.36
N THR B 300 -3.69 -39.97 13.30
CA THR B 300 -2.79 -39.16 14.09
C THR B 300 -1.34 -39.58 13.82
N ALA B 301 -0.42 -38.70 14.21
CA ALA B 301 1.00 -38.97 14.05
C ALA B 301 1.78 -37.99 14.92
N VAL B 302 2.75 -38.51 15.68
CA VAL B 302 3.58 -37.71 16.56
C VAL B 302 4.95 -37.55 15.90
N THR B 303 5.28 -36.32 15.51
CA THR B 303 6.54 -36.06 14.84
C THR B 303 7.70 -36.13 15.84
N LEU B 304 8.92 -35.91 15.33
CA LEU B 304 10.11 -36.03 16.17
C LEU B 304 10.17 -34.99 17.27
N ASP B 305 9.46 -33.87 17.12
CA ASP B 305 9.41 -32.85 18.15
C ASP B 305 8.47 -33.20 19.29
N GLY B 306 7.74 -34.31 19.20
CA GLY B 306 6.84 -34.70 20.26
C GLY B 306 5.49 -34.02 20.24
N ILE B 307 5.02 -33.59 19.07
CA ILE B 307 3.74 -32.91 18.93
C ILE B 307 2.82 -33.80 18.11
N GLU B 308 1.58 -33.97 18.58
CA GLU B 308 0.60 -34.77 17.86
C GLU B 308 0.00 -33.94 16.72
N ARG B 309 -0.11 -34.56 15.55
CA ARG B 309 -0.58 -33.88 14.34
C ARG B 309 -1.89 -34.50 13.88
N LYS B 310 -2.91 -33.67 13.67
CA LYS B 310 -4.19 -34.12 13.16
C LYS B 310 -4.10 -34.21 11.64
N LEU B 311 -4.00 -35.42 11.11
CA LEU B 311 -3.72 -35.62 9.70
C LEU B 311 -4.99 -35.48 8.85
N ASP B 312 -4.78 -35.09 7.60
CA ASP B 312 -5.85 -34.92 6.62
C ASP B 312 -5.82 -36.07 5.61
N THR B 313 -6.93 -36.23 4.89
CA THR B 313 -7.01 -37.27 3.88
C THR B 313 -6.00 -37.06 2.77
N ALA B 314 -5.58 -35.82 2.53
CA ALA B 314 -4.67 -35.49 1.46
C ALA B 314 -3.20 -35.51 1.87
N ASP B 315 -2.91 -35.71 3.15
CA ASP B 315 -1.53 -35.76 3.62
C ASP B 315 -0.89 -37.09 3.24
N VAL B 316 0.31 -37.03 2.67
CA VAL B 316 1.06 -38.23 2.29
C VAL B 316 1.95 -38.64 3.44
N LEU B 317 1.90 -39.93 3.81
CA LEU B 317 2.59 -40.44 4.98
C LEU B 317 3.62 -41.49 4.59
N ILE B 318 4.53 -41.75 5.53
CA ILE B 318 5.43 -42.90 5.49
C ILE B 318 5.14 -43.75 6.71
N VAL B 319 4.73 -45.00 6.49
CA VAL B 319 4.36 -45.90 7.57
C VAL B 319 4.98 -47.26 7.34
N ASP B 320 5.03 -48.06 8.41
CA ASP B 320 5.42 -49.46 8.30
C ASP B 320 4.30 -50.35 8.81
N ASP B 321 4.63 -51.35 9.62
CA ASP B 321 3.62 -52.22 10.21
C ASP B 321 3.20 -51.81 11.60
N ALA B 322 3.88 -50.85 12.23
CA ALA B 322 3.58 -50.44 13.59
C ALA B 322 3.07 -49.00 13.64
N ALA B 323 3.92 -48.01 13.40
CA ALA B 323 3.55 -46.61 13.56
C ALA B 323 4.01 -45.81 12.33
N THR B 324 3.54 -44.56 12.28
CA THR B 324 3.92 -43.67 11.19
C THR B 324 5.36 -43.20 11.39
N ALA B 325 6.16 -43.29 10.33
CA ALA B 325 7.57 -42.94 10.41
C ALA B 325 7.85 -41.48 10.05
N ALA B 326 7.04 -40.90 9.17
CA ALA B 326 7.29 -39.52 8.74
C ALA B 326 6.06 -38.99 8.02
N ILE B 327 5.80 -37.70 8.20
CA ILE B 327 4.83 -36.99 7.39
C ILE B 327 5.53 -36.57 6.10
N GLY B 328 5.16 -37.20 4.98
CA GLY B 328 5.87 -37.10 3.72
C GLY B 328 6.34 -35.72 3.32
N GLY B 329 7.66 -35.53 3.28
CA GLY B 329 8.23 -34.27 2.82
C GLY B 329 8.06 -33.10 3.75
N VAL B 330 7.69 -33.33 5.00
CA VAL B 330 7.46 -32.24 5.96
C VAL B 330 8.35 -32.43 7.18
N MET B 331 8.16 -33.53 7.90
CA MET B 331 8.92 -33.78 9.12
C MET B 331 8.78 -35.26 9.48
N GLY B 332 9.90 -35.86 9.91
CA GLY B 332 9.86 -37.23 10.35
C GLY B 332 9.31 -37.39 11.75
N ALA B 333 8.90 -38.61 12.06
CA ALA B 333 8.37 -38.93 13.38
C ALA B 333 9.49 -39.40 14.31
N ALA B 334 9.17 -39.45 15.60
CA ALA B 334 10.11 -39.95 16.60
C ALA B 334 10.27 -41.46 16.56
N SER B 335 9.51 -42.15 15.73
CA SER B 335 9.56 -43.60 15.61
C SER B 335 10.93 -44.07 15.14
N THR B 336 11.26 -43.77 13.89
CA THR B 336 12.53 -44.19 13.29
C THR B 336 13.61 -43.13 13.39
N GLU B 337 13.40 -42.10 14.21
CA GLU B 337 14.40 -41.04 14.36
C GLU B 337 15.68 -41.60 14.97
N VAL B 338 16.82 -41.21 14.40
CA VAL B 338 18.09 -41.70 14.90
C VAL B 338 18.43 -40.99 16.21
N ARG B 339 19.17 -41.67 17.08
CA ARG B 339 19.58 -41.14 18.36
C ARG B 339 20.99 -41.66 18.66
N ALA B 340 21.44 -41.46 19.90
CA ALA B 340 22.73 -42.00 20.31
C ALA B 340 22.76 -43.51 20.32
N ASP B 341 21.59 -44.16 20.32
CA ASP B 341 21.50 -45.61 20.27
C ASP B 341 21.66 -46.16 18.86
N SER B 342 21.46 -45.33 17.84
CA SER B 342 21.42 -45.80 16.47
C SER B 342 22.82 -46.09 15.93
N THR B 343 22.99 -47.29 15.38
CA THR B 343 24.21 -47.67 14.65
C THR B 343 23.94 -48.04 13.19
N ASP B 344 22.78 -48.60 12.88
CA ASP B 344 22.37 -48.86 11.51
C ASP B 344 21.46 -47.73 11.04
N VAL B 345 21.87 -47.04 9.98
CA VAL B 345 21.13 -45.90 9.45
C VAL B 345 20.69 -46.23 8.03
N LEU B 346 19.40 -46.01 7.76
CA LEU B 346 18.84 -46.15 6.42
C LEU B 346 18.49 -44.75 5.91
N LEU B 347 19.23 -44.29 4.90
CA LEU B 347 19.07 -42.95 4.36
C LEU B 347 17.96 -42.91 3.33
N GLU B 348 17.18 -41.83 3.36
CA GLU B 348 15.99 -41.67 2.52
C GLU B 348 16.17 -40.47 1.60
N ALA B 349 15.95 -40.68 0.30
CA ALA B 349 15.99 -39.62 -0.70
C ALA B 349 14.72 -39.75 -1.54
N ALA B 350 13.74 -38.90 -1.25
CA ALA B 350 12.43 -39.00 -1.88
C ALA B 350 12.04 -37.66 -2.53
N ILE B 351 11.28 -37.76 -3.62
CA ILE B 351 10.74 -36.61 -4.32
C ILE B 351 9.24 -36.63 -4.13
N TRP B 352 8.71 -35.68 -3.36
CA TRP B 352 7.29 -35.60 -3.06
C TRP B 352 6.60 -34.60 -3.98
N ASP B 353 5.29 -34.74 -4.10
CA ASP B 353 4.50 -33.82 -4.90
C ASP B 353 4.55 -32.43 -4.27
N PRO B 354 4.87 -31.39 -5.04
CA PRO B 354 4.98 -30.04 -4.43
C PRO B 354 3.68 -29.52 -3.87
N ALA B 355 2.55 -29.76 -4.54
CA ALA B 355 1.27 -29.24 -4.06
C ALA B 355 0.86 -29.95 -2.77
N ALA B 356 1.10 -31.26 -2.67
CA ALA B 356 0.74 -31.99 -1.47
C ALA B 356 1.52 -31.50 -0.26
N VAL B 357 2.84 -31.30 -0.42
CA VAL B 357 3.66 -30.80 0.67
C VAL B 357 3.23 -29.40 1.05
N SER B 358 2.91 -28.56 0.06
CA SER B 358 2.47 -27.19 0.35
C SER B 358 1.17 -27.18 1.15
N ARG B 359 0.21 -28.03 0.76
CA ARG B 359 -1.04 -28.13 1.50
C ARG B 359 -0.78 -28.55 2.95
N THR B 360 0.03 -29.60 3.14
CA THR B 360 0.23 -30.14 4.48
C THR B 360 1.02 -29.19 5.37
N GLN B 361 2.10 -28.61 4.85
CA GLN B 361 2.94 -27.76 5.69
C GLN B 361 2.23 -26.47 6.08
N ARG B 362 1.33 -25.96 5.23
CA ARG B 362 0.57 -24.77 5.58
C ARG B 362 -0.50 -25.08 6.62
N ARG B 363 -1.09 -26.27 6.55
CA ARG B 363 -2.17 -26.63 7.47
C ARG B 363 -1.64 -27.06 8.83
N LEU B 364 -0.48 -27.69 8.87
CA LEU B 364 0.15 -28.10 10.12
C LEU B 364 1.13 -27.07 10.66
N HIS B 365 1.36 -25.98 9.93
CA HIS B 365 2.29 -24.92 10.34
C HIS B 365 3.69 -25.47 10.59
N LEU B 366 4.24 -26.17 9.59
CA LEU B 366 5.57 -26.75 9.66
C LEU B 366 6.32 -26.41 8.38
N PRO B 367 6.84 -25.18 8.26
CA PRO B 367 7.66 -24.82 7.07
C PRO B 367 9.11 -25.23 7.25
N SER B 368 9.33 -26.53 7.30
CA SER B 368 10.65 -27.08 7.57
C SER B 368 11.59 -26.81 6.39
N GLU B 369 12.89 -27.10 6.62
CA GLU B 369 13.87 -26.95 5.55
C GLU B 369 13.57 -27.85 4.37
N ALA B 370 12.98 -29.02 4.62
CA ALA B 370 12.62 -29.91 3.51
C ALA B 370 11.35 -29.45 2.82
N ALA B 371 10.36 -28.99 3.61
CA ALA B 371 9.09 -28.57 3.03
C ALA B 371 9.27 -27.36 2.13
N ARG B 372 10.12 -26.41 2.54
CA ARG B 372 10.36 -25.22 1.73
C ARG B 372 10.94 -25.57 0.36
N ARG B 373 11.75 -26.63 0.29
CA ARG B 373 12.36 -27.02 -0.97
C ARG B 373 11.44 -27.88 -1.81
N TYR B 374 10.75 -28.84 -1.18
CA TYR B 374 9.76 -29.65 -1.91
C TYR B 374 8.62 -28.79 -2.43
N GLU B 375 8.25 -27.73 -1.72
CA GLU B 375 7.23 -26.80 -2.20
C GLU B 375 7.63 -26.19 -3.53
N ARG B 376 8.91 -25.94 -3.72
CA ARG B 376 9.43 -25.25 -4.91
C ARG B 376 10.05 -26.20 -5.91
N THR B 377 9.69 -27.49 -5.84
CA THR B 377 10.18 -28.57 -6.69
C THR B 377 11.65 -28.87 -6.45
N VAL B 378 12.00 -30.15 -6.40
CA VAL B 378 13.37 -30.63 -6.21
C VAL B 378 13.72 -31.49 -7.41
N ASP B 379 14.96 -31.32 -7.91
CA ASP B 379 15.47 -32.06 -9.06
C ASP B 379 15.39 -33.57 -8.81
N PRO B 380 14.48 -34.28 -9.48
CA PRO B 380 14.34 -35.73 -9.24
C PRO B 380 15.42 -36.58 -9.89
N ALA B 381 16.29 -35.99 -10.70
CA ALA B 381 17.34 -36.75 -11.37
C ALA B 381 18.58 -36.96 -10.51
N ILE B 382 18.62 -36.40 -9.29
CA ILE B 382 19.79 -36.48 -8.44
C ILE B 382 19.53 -37.24 -7.15
N SER B 383 18.41 -37.98 -7.09
CA SER B 383 18.04 -38.64 -5.83
C SER B 383 19.08 -39.66 -5.41
N VAL B 384 19.44 -40.58 -6.32
CA VAL B 384 20.42 -41.59 -5.98
C VAL B 384 21.81 -40.97 -5.86
N ALA B 385 22.10 -39.98 -6.70
CA ALA B 385 23.40 -39.30 -6.63
C ALA B 385 23.57 -38.62 -5.27
N ALA B 386 22.55 -37.90 -4.81
CA ALA B 386 22.62 -37.29 -3.49
C ALA B 386 22.59 -38.34 -2.39
N LEU B 387 21.97 -39.49 -2.66
CA LEU B 387 21.96 -40.57 -1.68
C LEU B 387 23.34 -41.19 -1.53
N ASP B 388 24.05 -41.41 -2.64
CA ASP B 388 25.38 -41.98 -2.57
C ASP B 388 26.37 -41.00 -1.96
N ARG B 389 26.31 -39.72 -2.37
CA ARG B 389 27.13 -38.69 -1.75
C ARG B 389 26.89 -38.63 -0.25
N CYS B 390 25.62 -38.72 0.17
CA CYS B 390 25.30 -38.67 1.59
C CYS B 390 25.78 -39.92 2.32
N ALA B 391 25.71 -41.08 1.66
CA ALA B 391 26.10 -42.33 2.32
C ALA B 391 27.61 -42.43 2.47
N ARG B 392 28.36 -42.05 1.43
CA ARG B 392 29.81 -42.05 1.52
C ARG B 392 30.29 -41.08 2.60
N LEU B 393 29.64 -39.92 2.70
CA LEU B 393 30.08 -38.93 3.68
C LEU B 393 29.84 -39.42 5.11
N LEU B 394 28.72 -40.11 5.35
CA LEU B 394 28.45 -40.62 6.69
C LEU B 394 29.44 -41.70 7.08
N ALA B 395 29.77 -42.61 6.15
CA ALA B 395 30.72 -43.66 6.44
C ALA B 395 32.14 -43.12 6.60
N ASP B 396 32.46 -42.02 5.93
CA ASP B 396 33.80 -41.44 6.05
C ASP B 396 33.99 -40.75 7.40
N ILE B 397 32.90 -40.28 8.01
CA ILE B 397 32.98 -39.55 9.27
C ILE B 397 32.85 -40.48 10.46
N ALA B 398 31.80 -41.30 10.50
CA ALA B 398 31.50 -42.15 11.64
C ALA B 398 31.79 -43.62 11.38
N GLY B 399 32.61 -43.92 10.38
CA GLY B 399 32.95 -45.30 10.06
C GLY B 399 31.75 -46.08 9.52
N GLY B 400 31.96 -47.37 9.33
CA GLY B 400 30.92 -48.26 8.83
C GLY B 400 31.12 -48.63 7.38
N GLU B 401 30.22 -49.49 6.91
CA GLU B 401 30.25 -49.99 5.54
C GLU B 401 28.94 -49.64 4.86
N VAL B 402 29.02 -48.99 3.70
CA VAL B 402 27.84 -48.65 2.92
C VAL B 402 27.36 -49.91 2.21
N SER B 403 26.15 -50.35 2.53
CA SER B 403 25.62 -51.58 1.97
C SER B 403 25.44 -51.43 0.45
N PRO B 404 25.85 -52.43 -0.33
CA PRO B 404 25.75 -52.31 -1.79
C PRO B 404 24.34 -52.55 -2.32
N THR B 405 23.34 -52.40 -1.45
CA THR B 405 21.94 -52.53 -1.82
C THR B 405 21.31 -51.15 -1.99
N LEU B 406 20.27 -51.09 -2.81
CA LEU B 406 19.62 -49.83 -3.11
C LEU B 406 18.20 -50.06 -3.59
N THR B 407 17.24 -49.36 -3.00
CA THR B 407 15.88 -49.29 -3.48
C THR B 407 15.70 -47.96 -4.21
N ASP B 408 15.13 -48.02 -5.43
CA ASP B 408 15.00 -46.82 -6.27
C ASP B 408 13.66 -46.91 -7.00
N TRP B 409 12.60 -46.49 -6.31
CA TRP B 409 11.27 -46.45 -6.90
C TRP B 409 11.14 -45.19 -7.74
N ARG B 410 10.92 -45.36 -9.04
CA ARG B 410 10.83 -44.23 -9.97
C ARG B 410 9.48 -44.22 -10.70
N GLY B 411 8.42 -44.61 -10.01
CA GLY B 411 7.10 -44.65 -10.61
C GLY B 411 6.80 -45.98 -11.29
N ASP B 412 5.54 -46.13 -11.70
CA ASP B 412 5.08 -47.30 -12.44
C ASP B 412 4.38 -46.81 -13.70
N PRO B 413 4.95 -47.01 -14.90
CA PRO B 413 6.25 -47.66 -15.16
C PRO B 413 7.44 -46.82 -14.68
N PRO B 414 8.60 -47.47 -14.50
CA PRO B 414 9.77 -46.73 -14.01
C PRO B 414 10.17 -45.61 -14.96
N CYS B 415 10.36 -44.42 -14.39
CA CYS B 415 10.74 -43.24 -15.16
C CYS B 415 12.26 -43.15 -15.26
N ASP B 416 12.77 -43.03 -16.49
CA ASP B 416 14.20 -42.95 -16.74
C ASP B 416 14.65 -41.63 -17.33
N ASP B 417 13.73 -40.73 -17.67
CA ASP B 417 14.06 -39.43 -18.24
C ASP B 417 13.28 -38.37 -17.47
N TRP B 418 14.00 -37.42 -16.88
CA TRP B 418 13.40 -36.40 -16.03
C TRP B 418 13.37 -35.02 -16.67
N SER B 419 13.59 -34.95 -17.98
CA SER B 419 13.60 -33.58 -18.51
C SER B 419 12.19 -33.15 -18.90
N PRO B 420 11.85 -31.89 -18.67
CA PRO B 420 10.54 -31.37 -19.10
C PRO B 420 10.43 -31.37 -20.61
N PRO B 421 9.21 -31.22 -21.15
CA PRO B 421 9.04 -31.34 -22.60
C PRO B 421 9.87 -30.30 -23.33
N PRO B 422 10.26 -30.58 -24.57
CA PRO B 422 11.02 -29.60 -25.35
C PRO B 422 10.15 -28.43 -25.78
N ILE B 423 10.80 -27.28 -25.92
CA ILE B 423 10.13 -26.03 -26.26
C ILE B 423 10.66 -25.54 -27.60
N ARG B 424 9.75 -25.24 -28.52
CA ARG B 424 10.10 -24.68 -29.82
C ARG B 424 9.94 -23.17 -29.77
N MET B 425 11.03 -22.45 -30.06
CA MET B 425 11.04 -20.99 -29.99
C MET B 425 11.82 -20.44 -31.18
N GLY B 426 11.32 -19.35 -31.75
CA GLY B 426 12.07 -18.67 -32.79
C GLY B 426 13.38 -18.13 -32.27
N VAL B 427 14.39 -18.10 -33.15
CA VAL B 427 15.74 -17.75 -32.74
C VAL B 427 15.82 -16.29 -32.29
N ASP B 428 15.03 -15.40 -32.90
CA ASP B 428 15.10 -13.98 -32.60
C ASP B 428 14.03 -13.55 -31.59
N VAL B 429 13.32 -14.49 -30.98
CA VAL B 429 12.26 -14.12 -30.03
C VAL B 429 12.81 -13.37 -28.82
N PRO B 430 13.91 -13.78 -28.18
CA PRO B 430 14.46 -12.94 -27.11
C PRO B 430 14.84 -11.54 -27.59
N ASP B 431 15.35 -11.43 -28.82
CA ASP B 431 15.71 -10.12 -29.35
C ASP B 431 14.49 -9.22 -29.50
N ARG B 432 13.35 -9.79 -29.93
CA ARG B 432 12.14 -9.00 -30.10
C ARG B 432 11.63 -8.50 -28.76
N ILE B 433 11.60 -9.36 -27.75
CA ILE B 433 11.08 -8.97 -26.44
C ILE B 433 11.98 -7.93 -25.79
N ALA B 434 13.31 -8.10 -25.92
CA ALA B 434 14.25 -7.18 -25.29
C ALA B 434 14.39 -5.87 -26.07
N GLY B 435 13.96 -5.82 -27.33
CA GLY B 435 14.24 -4.66 -28.15
C GLY B 435 15.71 -4.45 -28.45
N VAL B 436 16.51 -5.50 -28.38
CA VAL B 436 17.95 -5.43 -28.60
C VAL B 436 18.34 -6.49 -29.62
N ALA B 437 19.25 -6.12 -30.52
CA ALA B 437 19.82 -7.07 -31.48
C ALA B 437 21.01 -7.74 -30.82
N TYR B 438 20.77 -8.85 -30.16
CA TYR B 438 21.84 -9.57 -29.49
C TYR B 438 22.83 -10.13 -30.52
N PRO B 439 24.09 -10.31 -30.13
CA PRO B 439 25.05 -10.95 -31.03
C PRO B 439 24.59 -12.36 -31.40
N GLN B 440 25.07 -12.82 -32.55
CA GLN B 440 24.70 -14.15 -33.02
C GLN B 440 25.17 -15.21 -32.04
N GLY B 441 24.27 -16.14 -31.70
CA GLY B 441 24.57 -17.20 -30.78
C GLY B 441 24.33 -16.88 -29.32
N THR B 442 23.87 -15.66 -29.00
CA THR B 442 23.68 -15.28 -27.61
C THR B 442 22.61 -16.14 -26.94
N THR B 443 21.45 -16.29 -27.60
CA THR B 443 20.36 -17.07 -27.02
C THR B 443 20.74 -18.52 -26.83
N ALA B 444 21.36 -19.13 -27.86
CA ALA B 444 21.73 -20.54 -27.76
C ALA B 444 22.79 -20.77 -26.70
N ARG B 445 23.72 -19.83 -26.53
CA ARG B 445 24.75 -20.00 -25.51
C ARG B 445 24.19 -19.83 -24.11
N ARG B 446 23.30 -18.85 -23.92
CA ARG B 446 22.74 -18.60 -22.60
C ARG B 446 21.85 -19.76 -22.15
N LEU B 447 21.07 -20.32 -23.08
CA LEU B 447 20.20 -21.43 -22.73
C LEU B 447 21.00 -22.70 -22.42
N ALA B 448 22.16 -22.86 -23.05
CA ALA B 448 23.02 -23.99 -22.72
C ALA B 448 23.68 -23.81 -21.36
N GLN B 449 24.01 -22.58 -20.98
CA GLN B 449 24.61 -22.33 -19.67
C GLN B 449 23.68 -22.76 -18.54
N ILE B 450 22.38 -22.47 -18.67
CA ILE B 450 21.43 -22.85 -17.62
C ILE B 450 21.10 -24.34 -17.68
N GLY B 451 21.69 -25.08 -18.60
CA GLY B 451 21.60 -26.53 -18.61
C GLY B 451 20.67 -27.16 -19.63
N ALA B 452 20.26 -26.43 -20.66
CA ALA B 452 19.33 -26.96 -21.66
C ALA B 452 20.07 -27.44 -22.89
N VAL B 453 19.57 -28.51 -23.50
CA VAL B 453 20.04 -28.95 -24.80
C VAL B 453 19.36 -28.10 -25.86
N VAL B 454 20.15 -27.57 -26.79
CA VAL B 454 19.67 -26.63 -27.79
C VAL B 454 20.05 -27.15 -29.17
N THR B 455 19.05 -27.51 -29.97
CA THR B 455 19.25 -27.85 -31.38
C THR B 455 18.72 -26.72 -32.25
N HIS B 456 19.29 -26.61 -33.44
CA HIS B 456 19.00 -25.50 -34.35
C HIS B 456 18.49 -26.08 -35.66
N ASP B 457 17.40 -25.50 -36.17
CA ASP B 457 16.80 -25.96 -37.44
C ASP B 457 16.18 -24.74 -38.12
N GLY B 458 16.96 -24.08 -38.98
CA GLY B 458 16.51 -22.90 -39.67
C GLY B 458 16.39 -21.68 -38.78
N ASP B 459 15.16 -21.24 -38.52
CA ASP B 459 14.90 -20.11 -37.64
C ASP B 459 14.30 -20.51 -36.31
N THR B 460 14.17 -21.81 -36.03
CA THR B 460 13.50 -22.30 -34.85
C THR B 460 14.47 -23.10 -33.98
N LEU B 461 14.54 -22.76 -32.71
CA LEU B 461 15.31 -23.50 -31.73
C LEU B 461 14.41 -24.50 -31.01
N THR B 462 14.94 -25.71 -30.79
CA THR B 462 14.27 -26.71 -29.96
C THR B 462 15.07 -26.80 -28.66
N VAL B 463 14.46 -26.36 -27.56
CA VAL B 463 15.14 -26.25 -26.27
C VAL B 463 14.52 -27.26 -25.33
N THR B 464 15.35 -28.13 -24.76
CA THR B 464 14.92 -29.09 -23.76
C THR B 464 15.49 -28.68 -22.41
N PRO B 465 14.67 -28.16 -21.49
CA PRO B 465 15.21 -27.67 -20.21
C PRO B 465 15.74 -28.81 -19.36
N PRO B 466 16.68 -28.53 -18.46
CA PRO B 466 17.16 -29.57 -17.56
C PRO B 466 16.12 -29.94 -16.51
N SER B 467 16.37 -31.06 -15.84
CA SER B 467 15.40 -31.59 -14.88
C SER B 467 15.23 -30.72 -13.65
N TRP B 468 16.21 -29.87 -13.33
CA TRP B 468 16.09 -28.98 -12.19
C TRP B 468 15.43 -27.65 -12.55
N ARG B 469 14.91 -27.51 -13.76
CA ARG B 469 14.26 -26.27 -14.20
C ARG B 469 12.85 -26.57 -14.70
N PRO B 470 11.94 -26.99 -13.82
CA PRO B 470 10.56 -27.23 -14.27
C PRO B 470 9.80 -25.95 -14.57
N ASP B 471 10.36 -24.79 -14.25
CA ASP B 471 9.71 -23.52 -14.55
C ASP B 471 9.80 -23.15 -16.02
N LEU B 472 10.64 -23.82 -16.81
CA LEU B 472 10.80 -23.53 -18.23
C LEU B 472 9.79 -24.37 -19.00
N ARG B 473 8.65 -23.77 -19.30
CA ARG B 473 7.55 -24.44 -19.98
C ARG B 473 7.19 -23.83 -21.32
N GLN B 474 7.33 -22.52 -21.48
CA GLN B 474 6.92 -21.79 -22.67
C GLN B 474 8.08 -20.95 -23.17
N PRO B 475 8.02 -20.49 -24.42
CA PRO B 475 9.07 -19.59 -24.92
C PRO B 475 9.31 -18.38 -24.04
N ALA B 476 8.28 -17.86 -23.39
CA ALA B 476 8.47 -16.69 -22.51
C ALA B 476 9.42 -17.01 -21.37
N ASP B 477 9.40 -18.25 -20.87
CA ASP B 477 10.35 -18.64 -19.82
C ASP B 477 11.78 -18.61 -20.32
N LEU B 478 12.01 -19.05 -21.57
CA LEU B 478 13.35 -19.00 -22.13
C LEU B 478 13.79 -17.56 -22.35
N VAL B 479 12.85 -16.69 -22.71
CA VAL B 479 13.17 -15.28 -22.90
C VAL B 479 13.74 -14.68 -21.62
N GLU B 480 13.16 -15.03 -20.46
CA GLU B 480 13.62 -14.48 -19.20
C GLU B 480 15.06 -14.88 -18.89
N GLU B 481 15.43 -16.11 -19.25
CA GLU B 481 16.79 -16.59 -18.98
C GLU B 481 17.83 -15.83 -19.80
N VAL B 482 17.52 -15.56 -21.07
CA VAL B 482 18.47 -14.85 -21.91
C VAL B 482 18.62 -13.40 -21.45
N LEU B 483 17.49 -12.75 -21.15
CA LEU B 483 17.52 -11.31 -20.86
C LEU B 483 18.17 -11.02 -19.51
N ARG B 484 17.89 -11.84 -18.50
CA ARG B 484 18.42 -11.56 -17.17
C ARG B 484 19.92 -11.79 -17.11
N LEU B 485 20.44 -12.73 -17.89
CA LEU B 485 21.87 -12.98 -17.91
C LEU B 485 22.61 -11.92 -18.74
N GLU B 486 21.99 -11.43 -19.82
CA GLU B 486 22.59 -10.35 -20.58
C GLU B 486 22.50 -9.01 -19.86
N GLY B 487 21.62 -8.91 -18.86
CA GLY B 487 21.45 -7.67 -18.13
C GLY B 487 20.31 -6.84 -18.67
N LEU B 488 19.39 -6.45 -17.80
CA LEU B 488 18.25 -5.67 -18.25
C LEU B 488 18.63 -4.24 -18.60
N GLU B 489 19.78 -3.76 -18.13
CA GLU B 489 20.18 -2.38 -18.36
C GLU B 489 20.51 -2.10 -19.82
N VAL B 490 20.78 -3.14 -20.62
CA VAL B 490 21.05 -2.93 -22.04
C VAL B 490 19.79 -2.73 -22.85
N ILE B 491 18.62 -2.91 -22.25
CA ILE B 491 17.35 -2.69 -22.97
C ILE B 491 17.14 -1.19 -23.18
N PRO B 492 16.88 -0.75 -24.41
CA PRO B 492 16.69 0.69 -24.64
C PRO B 492 15.38 1.20 -24.06
N SER B 493 15.15 2.51 -24.17
CA SER B 493 13.97 3.17 -23.64
C SER B 493 13.22 3.84 -24.80
N VAL B 494 12.05 3.29 -25.13
CA VAL B 494 11.23 3.81 -26.23
C VAL B 494 9.82 4.05 -25.71
N LEU B 495 9.38 5.30 -25.76
CA LEU B 495 8.00 5.61 -25.38
C LEU B 495 7.06 5.16 -26.50
N PRO B 496 6.04 4.36 -26.19
CA PRO B 496 5.13 3.90 -27.23
C PRO B 496 4.21 5.03 -27.69
N PRO B 497 4.02 5.19 -28.99
CA PRO B 497 2.99 6.12 -29.46
C PRO B 497 1.60 5.61 -29.13
N ALA B 498 1.02 6.09 -28.04
CA ALA B 498 -0.30 5.61 -27.67
C ALA B 498 -1.36 6.22 -28.58
N PRO B 499 -2.36 5.45 -28.99
CA PRO B 499 -3.47 6.03 -29.75
C PRO B 499 -4.18 7.11 -28.95
N ALA B 500 -4.94 7.93 -29.67
CA ALA B 500 -5.68 9.01 -29.02
C ALA B 500 -6.64 8.46 -27.98
N GLY B 501 -6.44 8.86 -26.73
CA GLY B 501 -7.33 8.48 -25.67
C GLY B 501 -8.48 9.45 -25.49
N ARG B 502 -9.43 9.07 -24.65
CA ARG B 502 -10.60 9.89 -24.38
C ARG B 502 -10.52 10.57 -23.01
N GLY B 503 -9.39 10.43 -22.31
CA GLY B 503 -9.23 11.11 -21.04
C GLY B 503 -10.08 10.53 -19.92
N LEU B 504 -10.44 11.39 -18.98
CA LEU B 504 -11.21 10.99 -17.82
C LEU B 504 -12.68 10.80 -18.16
N THR B 505 -13.30 9.83 -17.47
CA THR B 505 -14.73 9.64 -17.58
C THR B 505 -15.47 10.70 -16.77
N ALA B 506 -16.79 10.76 -16.98
CA ALA B 506 -17.61 11.69 -16.20
C ALA B 506 -17.49 11.42 -14.71
N GLY B 507 -17.53 10.15 -14.31
CA GLY B 507 -17.45 9.83 -12.89
C GLY B 507 -16.11 10.17 -12.27
N GLN B 508 -15.02 9.95 -13.01
CA GLN B 508 -13.71 10.33 -12.50
C GLN B 508 -13.61 11.85 -12.36
N GLN B 509 -14.15 12.58 -13.34
CA GLN B 509 -14.14 14.03 -13.27
C GLN B 509 -14.98 14.55 -12.10
N ARG B 510 -16.11 13.90 -11.83
CA ARG B 510 -16.97 14.33 -10.73
C ARG B 510 -16.31 14.09 -9.38
N ARG B 511 -15.57 12.99 -9.23
CA ARG B 511 -14.83 12.74 -8.00
C ARG B 511 -13.82 13.86 -7.73
N ARG B 512 -13.21 14.42 -8.77
CA ARG B 512 -12.27 15.52 -8.58
C ARG B 512 -13.01 16.80 -8.19
N THR B 513 -14.10 17.11 -8.89
CA THR B 513 -14.84 18.33 -8.61
C THR B 513 -15.38 18.34 -7.18
N ILE B 514 -15.91 17.20 -6.72
CA ILE B 514 -16.42 17.11 -5.35
C ILE B 514 -15.29 17.33 -4.35
N GLY B 515 -14.14 16.71 -4.60
CA GLY B 515 -13.00 16.90 -3.71
C GLY B 515 -12.54 18.35 -3.67
N ARG B 516 -12.47 19.01 -4.83
CA ARG B 516 -12.08 20.41 -4.85
C ARG B 516 -13.09 21.28 -4.12
N SER B 517 -14.39 21.01 -4.31
CA SER B 517 -15.41 21.87 -3.74
C SER B 517 -15.44 21.76 -2.22
N LEU B 518 -15.31 20.55 -1.68
CA LEU B 518 -15.34 20.38 -0.23
C LEU B 518 -14.06 20.91 0.41
N ALA B 519 -12.91 20.71 -0.24
CA ALA B 519 -11.65 21.21 0.30
C ALA B 519 -11.64 22.73 0.35
N LEU B 520 -12.12 23.38 -0.72
CA LEU B 520 -12.20 24.84 -0.71
C LEU B 520 -13.17 25.35 0.33
N SER B 521 -14.14 24.53 0.76
CA SER B 521 -15.09 24.91 1.79
C SER B 521 -14.60 24.57 3.19
N GLY B 522 -13.33 24.18 3.34
CA GLY B 522 -12.75 23.95 4.65
C GLY B 522 -12.64 22.52 5.08
N TYR B 523 -13.03 21.57 4.25
CA TYR B 523 -13.00 20.16 4.62
C TYR B 523 -11.64 19.53 4.32
N VAL B 524 -11.22 18.63 5.20
CA VAL B 524 -9.94 17.92 5.08
C VAL B 524 -10.24 16.47 4.77
N GLU B 525 -9.61 15.95 3.71
CA GLU B 525 -9.91 14.61 3.26
C GLU B 525 -9.31 13.55 4.17
N ILE B 526 -10.09 12.52 4.44
CA ILE B 526 -9.67 11.35 5.20
C ILE B 526 -9.74 10.15 4.27
N LEU B 527 -8.71 9.31 4.32
CA LEU B 527 -8.75 8.04 3.60
C LEU B 527 -9.23 6.97 4.57
N PRO B 528 -10.51 6.61 4.54
CA PRO B 528 -11.11 5.88 5.66
C PRO B 528 -10.79 4.40 5.63
N THR B 529 -10.41 3.88 6.79
CA THR B 529 -10.15 2.45 6.91
C THR B 529 -11.46 1.67 6.73
N PRO B 530 -11.42 0.54 6.02
CA PRO B 530 -12.64 -0.27 5.85
C PRO B 530 -12.97 -1.14 7.06
N PHE B 531 -12.09 -1.23 8.05
CA PHE B 531 -12.32 -2.07 9.21
C PHE B 531 -13.09 -1.28 10.27
N LEU B 532 -14.31 -1.72 10.55
CA LEU B 532 -15.19 -0.98 11.46
C LEU B 532 -14.64 -1.00 12.88
N PRO B 533 -14.85 0.08 13.64
CA PRO B 533 -14.59 0.02 15.08
C PRO B 533 -15.43 -1.07 15.74
N ALA B 534 -14.90 -1.62 16.82
CA ALA B 534 -15.62 -2.65 17.56
C ALA B 534 -16.86 -2.04 18.23
N GLY B 535 -17.99 -2.73 18.08
CA GLY B 535 -19.22 -2.33 18.73
C GLY B 535 -19.80 -1.01 18.28
N VAL B 536 -19.48 -0.55 17.07
CA VAL B 536 -19.88 0.80 16.66
C VAL B 536 -21.39 0.88 16.49
N PHE B 537 -22.01 -0.13 15.89
CA PHE B 537 -23.45 -0.10 15.69
C PHE B 537 -24.22 -0.25 17.00
N ASP B 538 -23.61 -0.86 18.01
CA ASP B 538 -24.21 -0.86 19.34
C ASP B 538 -24.15 0.53 19.97
N LEU B 539 -23.05 1.24 19.76
CA LEU B 539 -22.95 2.62 20.24
C LEU B 539 -24.01 3.49 19.58
N TRP B 540 -24.26 3.26 18.28
CA TRP B 540 -25.31 3.99 17.56
C TRP B 540 -26.71 3.58 17.98
N GLY B 541 -26.87 2.48 18.71
CA GLY B 541 -28.19 2.00 19.06
C GLY B 541 -29.00 1.48 17.91
N LEU B 542 -28.36 1.03 16.84
CA LEU B 542 -29.10 0.51 15.68
C LEU B 542 -29.89 -0.74 16.05
N GLU B 543 -31.01 -0.92 15.36
CA GLU B 543 -31.79 -2.13 15.54
C GLU B 543 -31.01 -3.34 15.03
N ALA B 544 -31.41 -4.53 15.51
CA ALA B 544 -30.72 -5.75 15.12
C ALA B 544 -30.84 -6.02 13.63
N ASP B 545 -31.95 -5.63 13.01
CA ASP B 545 -32.18 -5.88 11.59
C ASP B 545 -31.76 -4.71 10.71
N ASP B 546 -30.98 -3.77 11.23
CA ASP B 546 -30.50 -2.66 10.42
C ASP B 546 -29.53 -3.17 9.35
N SER B 547 -29.81 -2.83 8.09
CA SER B 547 -29.02 -3.38 6.99
C SER B 547 -27.54 -3.07 7.13
N ARG B 548 -27.20 -1.96 7.80
CA ARG B 548 -25.79 -1.64 8.03
C ARG B 548 -25.09 -2.69 8.88
N ARG B 549 -25.83 -3.48 9.66
CA ARG B 549 -25.23 -4.54 10.44
C ARG B 549 -24.82 -5.75 9.60
N MET B 550 -25.38 -5.90 8.41
CA MET B 550 -25.03 -7.04 7.55
C MET B 550 -23.72 -6.73 6.86
N THR B 551 -22.62 -7.10 7.51
CA THR B 551 -21.29 -6.73 7.08
C THR B 551 -20.53 -7.94 6.53
N THR B 552 -19.63 -7.68 5.60
CA THR B 552 -18.62 -8.65 5.19
C THR B 552 -17.51 -8.68 6.23
N ARG B 553 -17.04 -9.88 6.55
CA ARG B 553 -16.07 -10.07 7.62
C ARG B 553 -14.77 -10.63 7.07
N VAL B 554 -13.67 -10.13 7.60
CA VAL B 554 -12.33 -10.61 7.26
C VAL B 554 -11.94 -11.68 8.27
N LEU B 555 -11.36 -12.78 7.78
CA LEU B 555 -10.97 -13.88 8.65
C LEU B 555 -9.75 -13.53 9.50
N ASN B 556 -8.79 -12.81 8.94
CA ASN B 556 -7.51 -12.55 9.61
C ASN B 556 -7.21 -11.05 9.66
N PRO B 557 -7.97 -10.30 10.45
CA PRO B 557 -7.67 -8.88 10.62
C PRO B 557 -6.44 -8.67 11.51
N LEU B 558 -5.78 -7.53 11.32
CA LEU B 558 -4.66 -7.20 12.18
C LEU B 558 -5.10 -6.90 13.60
N GLU B 559 -6.31 -6.36 13.77
CA GLU B 559 -6.94 -6.18 15.07
C GLU B 559 -8.08 -7.18 15.18
N ALA B 560 -7.95 -8.12 16.13
CA ALA B 560 -8.88 -9.23 16.20
C ALA B 560 -10.31 -8.77 16.46
N ASP B 561 -10.48 -7.62 17.11
CA ASP B 561 -11.80 -7.09 17.43
C ASP B 561 -12.38 -6.21 16.34
N ARG B 562 -11.70 -6.07 15.20
CA ARG B 562 -12.17 -5.25 14.09
C ARG B 562 -12.13 -6.03 12.79
N PRO B 563 -12.93 -7.10 12.65
CA PRO B 563 -12.93 -7.88 11.42
C PRO B 563 -13.98 -7.48 10.40
N GLN B 564 -14.95 -6.64 10.78
CA GLN B 564 -16.08 -6.33 9.92
C GLN B 564 -15.74 -5.18 8.98
N LEU B 565 -16.03 -5.36 7.70
CA LEU B 565 -15.81 -4.31 6.71
C LEU B 565 -16.97 -3.32 6.72
N ALA B 566 -16.64 -2.05 6.46
CA ALA B 566 -17.59 -0.97 6.69
C ALA B 566 -18.70 -0.96 5.65
N THR B 567 -19.94 -0.88 6.13
CA THR B 567 -21.10 -0.64 5.29
C THR B 567 -21.43 0.85 5.17
N THR B 568 -20.70 1.70 5.88
CA THR B 568 -20.90 3.13 5.87
C THR B 568 -19.58 3.81 6.21
N LEU B 569 -19.38 5.01 5.68
CA LEU B 569 -18.12 5.73 5.89
C LEU B 569 -18.07 6.49 7.21
N LEU B 570 -19.21 6.66 7.89
CA LEU B 570 -19.23 7.50 9.09
C LEU B 570 -18.40 6.95 10.24
N PRO B 571 -18.39 5.63 10.54
CA PRO B 571 -17.56 5.18 11.68
C PRO B 571 -16.08 5.53 11.55
N ALA B 572 -15.51 5.41 10.35
CA ALA B 572 -14.10 5.77 10.17
C ALA B 572 -13.90 7.26 10.30
N LEU B 573 -14.79 8.06 9.71
CA LEU B 573 -14.67 9.52 9.81
C LEU B 573 -14.80 9.99 11.25
N LEU B 574 -15.76 9.42 12.00
CA LEU B 574 -15.91 9.79 13.40
C LEU B 574 -14.69 9.39 14.22
N GLU B 575 -14.08 8.26 13.88
CA GLU B 575 -12.84 7.86 14.53
C GLU B 575 -11.71 8.83 14.20
N ALA B 576 -11.64 9.28 12.93
CA ALA B 576 -10.64 10.28 12.57
C ALA B 576 -10.92 11.61 13.25
N LEU B 577 -12.20 11.97 13.42
CA LEU B 577 -12.55 13.18 14.14
C LEU B 577 -12.10 13.11 15.60
N VAL B 578 -12.28 11.94 16.24
CA VAL B 578 -11.89 11.81 17.64
C VAL B 578 -10.38 11.93 17.80
N ARG B 579 -9.62 11.40 16.84
CA ARG B 579 -8.16 11.52 16.90
C ARG B 579 -7.73 12.98 16.85
N ASN B 580 -8.28 13.74 15.90
CA ASN B 580 -7.91 15.15 15.78
C ASN B 580 -8.30 15.94 17.02
N VAL B 581 -9.51 15.72 17.53
CA VAL B 581 -9.98 16.47 18.69
C VAL B 581 -9.11 16.15 19.91
N SER B 582 -8.77 14.87 20.10
CA SER B 582 -7.95 14.49 21.25
C SER B 582 -6.54 15.06 21.16
N ARG B 583 -6.08 15.45 19.97
CA ARG B 583 -4.77 16.05 19.80
C ARG B 583 -4.81 17.57 19.87
N GLY B 584 -5.93 18.16 20.29
CA GLY B 584 -6.01 19.59 20.47
C GLY B 584 -6.57 20.35 19.29
N LEU B 585 -6.97 19.67 18.22
CA LEU B 585 -7.55 20.31 17.04
C LEU B 585 -9.05 20.06 17.10
N VAL B 586 -9.77 20.96 17.77
CA VAL B 586 -11.15 20.71 18.14
C VAL B 586 -12.17 21.25 17.13
N ASP B 587 -11.74 22.03 16.14
CA ASP B 587 -12.61 22.59 15.11
C ASP B 587 -12.26 21.92 13.79
N VAL B 588 -12.95 20.83 13.47
CA VAL B 588 -12.58 19.98 12.35
C VAL B 588 -13.79 19.81 11.43
N ALA B 589 -13.52 19.82 10.13
CA ALA B 589 -14.45 19.34 9.12
C ALA B 589 -13.70 18.36 8.24
N LEU B 590 -14.12 17.10 8.27
CA LEU B 590 -13.47 16.03 7.54
C LEU B 590 -14.43 15.47 6.50
N PHE B 591 -13.87 14.96 5.40
CA PHE B 591 -14.68 14.31 4.38
C PHE B 591 -13.92 13.14 3.81
N ALA B 592 -14.65 12.28 3.09
CA ALA B 592 -14.08 11.09 2.48
C ALA B 592 -14.92 10.70 1.27
N ILE B 593 -14.24 10.28 0.21
CA ILE B 593 -14.87 9.74 -0.98
C ILE B 593 -14.31 8.33 -1.14
N ALA B 594 -15.09 7.33 -0.72
CA ALA B 594 -14.61 5.96 -0.74
C ALA B 594 -15.80 5.01 -0.85
N GLN B 595 -15.52 3.80 -1.33
CA GLN B 595 -16.53 2.79 -1.45
C GLN B 595 -16.79 2.12 -0.10
N VAL B 596 -17.97 1.52 0.02
CA VAL B 596 -18.30 0.70 1.17
C VAL B 596 -18.50 -0.72 0.69
N VAL B 597 -18.74 -1.65 1.61
CA VAL B 597 -18.91 -3.06 1.29
C VAL B 597 -20.25 -3.49 1.85
N GLN B 598 -21.17 -3.87 0.96
CA GLN B 598 -22.54 -4.22 1.36
C GLN B 598 -22.92 -5.56 0.75
N PRO B 599 -22.73 -6.65 1.50
CA PRO B 599 -23.13 -7.97 0.99
C PRO B 599 -24.62 -8.18 1.02
N THR B 600 -25.09 -9.03 0.11
CA THR B 600 -26.48 -9.43 0.01
C THR B 600 -26.58 -10.94 0.13
N GLU B 601 -27.80 -11.47 -0.05
CA GLU B 601 -27.98 -12.92 -0.01
C GLU B 601 -27.42 -13.60 -1.26
N GLN B 602 -27.14 -12.85 -2.32
CA GLN B 602 -26.48 -13.37 -3.50
C GLN B 602 -24.96 -13.33 -3.39
N THR B 603 -24.42 -12.80 -2.30
CA THR B 603 -22.98 -12.77 -2.10
C THR B 603 -22.49 -14.15 -1.68
N ARG B 604 -21.54 -14.69 -2.44
CA ARG B 604 -21.17 -16.09 -2.28
C ARG B 604 -19.81 -16.31 -2.93
N GLY B 605 -19.23 -17.46 -2.65
CA GLY B 605 -18.00 -17.87 -3.30
C GLY B 605 -18.25 -18.56 -4.62
N VAL B 606 -17.30 -18.41 -5.54
CA VAL B 606 -17.35 -19.04 -6.86
C VAL B 606 -16.14 -19.94 -7.00
N GLY B 607 -16.38 -21.21 -7.34
CA GLY B 607 -15.28 -22.13 -7.55
C GLY B 607 -14.40 -21.72 -8.72
N LEU B 608 -13.21 -22.32 -8.75
CA LEU B 608 -12.24 -22.01 -9.79
C LEU B 608 -12.85 -22.15 -11.19
N ILE B 609 -12.73 -21.09 -11.98
CA ILE B 609 -13.09 -21.11 -13.40
C ILE B 609 -11.83 -21.47 -14.17
N PRO B 610 -11.91 -22.40 -15.12
CA PRO B 610 -10.71 -22.77 -15.90
C PRO B 610 -10.06 -21.56 -16.55
N VAL B 611 -8.75 -21.45 -16.39
CA VAL B 611 -8.02 -20.28 -16.86
C VAL B 611 -7.26 -20.53 -18.15
N ASP B 612 -7.50 -21.67 -18.80
CA ASP B 612 -6.91 -21.95 -20.10
C ASP B 612 -7.72 -21.39 -21.26
N ARG B 613 -8.73 -20.57 -20.95
CA ARG B 613 -9.52 -19.90 -21.97
C ARG B 613 -10.21 -18.71 -21.30
N ARG B 614 -10.78 -17.85 -22.14
CA ARG B 614 -11.54 -16.72 -21.63
C ARG B 614 -12.79 -17.22 -20.91
N PRO B 615 -13.13 -16.65 -19.76
CA PRO B 615 -14.38 -17.05 -19.09
C PRO B 615 -15.58 -16.66 -19.95
N THR B 616 -16.60 -17.51 -19.92
CA THR B 616 -17.81 -17.23 -20.67
C THR B 616 -18.51 -16.00 -20.10
N ASP B 617 -19.47 -15.47 -20.86
CA ASP B 617 -20.21 -14.30 -20.40
C ASP B 617 -20.97 -14.61 -19.12
N ASP B 618 -21.51 -15.82 -19.00
CA ASP B 618 -22.21 -16.19 -17.76
C ASP B 618 -21.24 -16.34 -16.60
N GLU B 619 -20.03 -16.83 -16.87
CA GLU B 619 -19.02 -16.94 -15.81
C GLU B 619 -18.58 -15.56 -15.34
N ILE B 620 -18.47 -14.60 -16.26
CA ILE B 620 -18.18 -13.23 -15.86
C ILE B 620 -19.33 -12.68 -15.03
N ALA B 621 -20.57 -13.02 -15.42
CA ALA B 621 -21.73 -12.51 -14.70
C ALA B 621 -21.83 -13.09 -13.29
N MET B 622 -21.54 -14.39 -13.12
CA MET B 622 -21.62 -14.96 -11.78
C MET B 622 -20.47 -14.54 -10.90
N LEU B 623 -19.31 -14.22 -11.49
CA LEU B 623 -18.21 -13.66 -10.70
C LEU B 623 -18.56 -12.28 -10.19
N ASP B 624 -19.15 -11.44 -11.04
CA ASP B 624 -19.52 -10.10 -10.61
C ASP B 624 -20.68 -10.13 -9.63
N ALA B 625 -21.69 -10.98 -9.88
CA ALA B 625 -22.84 -11.05 -9.01
C ALA B 625 -22.50 -11.64 -7.64
N SER B 626 -21.41 -12.39 -7.53
CA SER B 626 -21.04 -13.01 -6.26
C SER B 626 -20.40 -12.03 -5.28
N LEU B 627 -19.78 -10.96 -5.78
CA LEU B 627 -19.13 -10.02 -4.90
C LEU B 627 -20.14 -9.11 -4.21
N PRO B 628 -19.87 -8.71 -2.97
CA PRO B 628 -20.77 -7.76 -2.30
C PRO B 628 -20.84 -6.45 -3.07
N ARG B 629 -21.97 -5.77 -2.93
CA ARG B 629 -22.11 -4.45 -3.55
C ARG B 629 -21.10 -3.49 -2.95
N GLN B 630 -20.41 -2.74 -3.81
CA GLN B 630 -19.35 -1.83 -3.38
C GLN B 630 -19.54 -0.44 -3.99
N PRO B 631 -20.64 0.23 -3.65
CA PRO B 631 -20.89 1.56 -4.22
C PRO B 631 -20.00 2.63 -3.61
N GLN B 632 -19.71 3.65 -4.42
CA GLN B 632 -18.92 4.78 -3.95
C GLN B 632 -19.80 5.74 -3.14
N HIS B 633 -19.37 6.03 -1.92
CA HIS B 633 -20.05 6.98 -1.06
C HIS B 633 -19.20 8.24 -0.89
N VAL B 634 -19.86 9.33 -0.54
CA VAL B 634 -19.21 10.56 -0.10
C VAL B 634 -19.79 10.92 1.26
N ALA B 635 -18.93 11.23 2.22
CA ALA B 635 -19.36 11.46 3.58
C ALA B 635 -18.49 12.54 4.22
N ALA B 636 -19.03 13.17 5.27
CA ALA B 636 -18.33 14.23 5.97
C ALA B 636 -18.84 14.34 7.40
N VAL B 637 -17.96 14.81 8.29
CA VAL B 637 -18.32 15.09 9.68
C VAL B 637 -17.75 16.43 10.09
N LEU B 638 -18.48 17.12 10.97
CA LEU B 638 -18.10 18.45 11.44
C LEU B 638 -18.25 18.53 12.95
N ALA B 639 -17.35 19.28 13.58
CA ALA B 639 -17.43 19.52 15.02
C ALA B 639 -16.73 20.83 15.35
N GLY B 640 -17.08 21.38 16.51
CA GLY B 640 -16.47 22.62 16.95
C GLY B 640 -17.00 23.86 16.25
N LEU B 641 -16.11 24.81 15.99
CA LEU B 641 -16.48 26.05 15.32
C LEU B 641 -16.43 25.85 13.82
N ARG B 642 -17.56 26.11 13.14
CA ARG B 642 -17.57 26.07 11.69
C ARG B 642 -16.82 27.27 11.11
N GLU B 643 -17.05 28.45 11.67
CA GLU B 643 -16.30 29.65 11.36
C GLU B 643 -15.45 30.04 12.55
N PRO B 644 -14.15 30.22 12.39
CA PRO B 644 -13.30 30.55 13.54
C PRO B 644 -13.58 31.96 14.03
N ARG B 645 -13.10 32.23 15.25
CA ARG B 645 -13.17 33.57 15.78
C ARG B 645 -11.99 34.39 15.30
N GLY B 646 -12.17 35.70 15.25
CA GLY B 646 -11.14 36.61 14.85
C GLY B 646 -11.56 38.05 15.05
N PRO B 647 -10.89 38.98 14.37
CA PRO B 647 -11.27 40.40 14.49
C PRO B 647 -12.70 40.66 14.02
N TRP B 648 -13.32 39.71 13.32
CA TRP B 648 -14.66 39.91 12.80
C TRP B 648 -15.74 39.57 13.82
N GLY B 649 -15.43 38.69 14.78
CA GLY B 649 -16.40 38.28 15.77
C GLY B 649 -16.03 36.99 16.45
N PRO B 650 -16.97 36.42 17.22
CA PRO B 650 -16.68 35.23 18.02
C PRO B 650 -16.76 33.93 17.26
N GLY B 651 -17.02 33.96 15.96
CA GLY B 651 -17.13 32.74 15.20
C GLY B 651 -18.53 32.14 15.30
N ARG B 652 -18.67 30.95 14.73
CA ARG B 652 -19.97 30.29 14.69
C ARG B 652 -19.82 28.79 14.89
N PRO B 653 -20.49 28.22 15.88
CA PRO B 653 -20.41 26.76 16.08
C PRO B 653 -21.06 25.98 14.94
N VAL B 654 -20.61 24.73 14.80
CA VAL B 654 -21.20 23.83 13.82
C VAL B 654 -22.66 23.59 14.15
N GLU B 655 -23.53 23.68 13.14
CA GLU B 655 -24.94 23.40 13.29
C GLU B 655 -25.38 22.47 12.17
N ALA B 656 -26.58 21.91 12.32
CA ALA B 656 -27.11 20.98 11.33
C ALA B 656 -27.17 21.60 9.95
N ALA B 657 -27.42 22.92 9.87
CA ALA B 657 -27.48 23.59 8.58
C ALA B 657 -26.17 23.50 7.82
N ASP B 658 -25.05 23.36 8.52
CA ASP B 658 -23.76 23.20 7.84
C ASP B 658 -23.71 21.86 7.10
N ALA B 659 -24.24 20.80 7.71
CA ALA B 659 -24.31 19.52 7.01
C ALA B 659 -25.24 19.60 5.82
N PHE B 660 -26.34 20.34 5.95
CA PHE B 660 -27.26 20.50 4.82
C PHE B 660 -26.57 21.24 3.68
N GLU B 661 -25.70 22.19 4.00
CA GLU B 661 -24.99 22.92 2.95
C GLU B 661 -23.91 22.06 2.30
N ALA B 662 -23.28 21.16 3.05
CA ALA B 662 -22.36 20.21 2.45
C ALA B 662 -23.05 19.32 1.43
N VAL B 663 -24.32 18.99 1.67
CA VAL B 663 -25.12 18.29 0.66
C VAL B 663 -25.23 19.13 -0.61
N ARG B 664 -25.49 20.43 -0.44
CA ARG B 664 -25.67 21.29 -1.60
C ARG B 664 -24.34 21.61 -2.26
N ILE B 665 -23.24 21.55 -1.52
CA ILE B 665 -21.92 21.66 -2.14
C ILE B 665 -21.67 20.46 -3.05
N ILE B 666 -22.00 19.26 -2.57
CA ILE B 666 -21.84 18.05 -3.37
C ILE B 666 -22.82 18.05 -4.54
N ALA B 667 -24.05 18.49 -4.31
CA ALA B 667 -25.05 18.50 -5.38
C ALA B 667 -24.65 19.46 -6.50
N ARG B 668 -24.17 20.66 -6.16
CA ARG B 668 -23.74 21.59 -7.20
C ARG B 668 -22.51 21.07 -7.94
N ALA B 669 -21.59 20.42 -7.22
CA ALA B 669 -20.44 19.82 -7.88
C ALA B 669 -20.86 18.67 -8.79
N SER B 670 -21.94 17.99 -8.45
CA SER B 670 -22.49 16.92 -9.27
C SER B 670 -23.46 17.42 -10.34
N ARG B 671 -23.79 18.71 -10.32
CA ARG B 671 -24.74 19.30 -11.25
C ARG B 671 -26.08 18.57 -11.24
N VAL B 672 -26.61 18.35 -10.02
CA VAL B 672 -27.93 17.77 -9.84
C VAL B 672 -28.71 18.58 -8.83
N ASP B 673 -30.03 18.59 -8.99
CA ASP B 673 -30.93 19.22 -8.03
C ASP B 673 -31.29 18.23 -6.94
N VAL B 674 -31.44 18.74 -5.73
CA VAL B 674 -31.59 17.91 -4.54
C VAL B 674 -32.69 18.52 -3.67
N THR B 675 -33.53 17.66 -3.10
CA THR B 675 -34.49 18.07 -2.09
C THR B 675 -34.16 17.38 -0.76
N LEU B 676 -34.37 18.10 0.33
CA LEU B 676 -34.13 17.60 1.68
C LEU B 676 -35.47 17.48 2.41
N ARG B 677 -35.72 16.32 3.00
CA ARG B 677 -37.00 16.04 3.62
C ARG B 677 -36.81 15.56 5.05
N PRO B 678 -37.73 15.90 5.96
CA PRO B 678 -37.60 15.44 7.35
C PRO B 678 -37.54 13.92 7.42
N ALA B 679 -36.70 13.42 8.33
CA ALA B 679 -36.52 11.98 8.46
C ALA B 679 -35.97 11.67 9.85
N GLN B 680 -36.16 10.41 10.25
CA GLN B 680 -35.60 9.87 11.48
C GLN B 680 -34.75 8.66 11.11
N TYR B 681 -33.45 8.77 11.35
CA TYR B 681 -32.53 7.72 10.92
C TYR B 681 -31.26 7.85 11.76
N LEU B 682 -31.03 6.87 12.63
CA LEU B 682 -29.84 6.87 13.46
C LEU B 682 -28.58 6.74 12.59
N PRO B 683 -27.47 7.36 13.01
CA PRO B 683 -27.24 8.04 14.29
C PRO B 683 -27.58 9.53 14.31
N TRP B 684 -28.44 9.99 13.41
CA TRP B 684 -28.78 11.40 13.37
C TRP B 684 -29.87 11.74 14.38
N HIS B 685 -29.88 13.00 14.79
CA HIS B 685 -30.90 13.57 15.65
C HIS B 685 -32.26 13.51 14.97
N PRO B 686 -33.27 12.89 15.57
CA PRO B 686 -34.57 12.72 14.88
C PRO B 686 -35.24 14.03 14.50
N GLY B 687 -34.93 15.14 15.18
CA GLY B 687 -35.47 16.43 14.86
C GLY B 687 -34.59 17.32 14.02
N ARG B 688 -33.36 16.88 13.74
CA ARG B 688 -32.39 17.65 12.96
C ARG B 688 -31.74 16.77 11.91
N CYS B 689 -32.55 15.92 11.28
CA CYS B 689 -32.08 14.97 10.27
C CYS B 689 -32.87 15.18 8.99
N ALA B 690 -32.16 15.26 7.87
CA ALA B 690 -32.77 15.36 6.55
C ALA B 690 -32.39 14.16 5.71
N GLN B 691 -33.36 13.62 5.00
CA GLN B 691 -33.08 12.63 3.97
C GLN B 691 -32.95 13.35 2.63
N VAL B 692 -31.92 12.98 1.87
CA VAL B 692 -31.56 13.67 0.64
C VAL B 692 -32.06 12.87 -0.55
N PHE B 693 -32.84 13.52 -1.41
CA PHE B 693 -33.43 12.90 -2.59
C PHE B 693 -32.93 13.59 -3.85
N VAL B 694 -32.65 12.79 -4.87
CA VAL B 694 -32.45 13.28 -6.24
C VAL B 694 -33.63 12.76 -7.05
N GLY B 695 -34.55 13.66 -7.41
CA GLY B 695 -35.83 13.20 -7.89
C GLY B 695 -36.57 12.53 -6.75
N GLU B 696 -37.10 11.33 -6.99
CA GLU B 696 -37.75 10.55 -5.95
C GLU B 696 -36.86 9.44 -5.40
N SER B 697 -35.57 9.46 -5.72
CA SER B 697 -34.63 8.44 -5.25
C SER B 697 -33.85 8.96 -4.06
N SER B 698 -33.88 8.21 -2.96
CA SER B 698 -33.08 8.54 -1.79
C SER B 698 -31.60 8.29 -2.07
N VAL B 699 -30.75 9.23 -1.66
CA VAL B 699 -29.31 9.10 -1.87
C VAL B 699 -28.51 9.25 -0.58
N GLY B 700 -29.16 9.57 0.55
CA GLY B 700 -28.43 9.64 1.80
C GLY B 700 -29.16 10.49 2.83
N HIS B 701 -28.38 10.93 3.82
CA HIS B 701 -28.92 11.66 4.96
C HIS B 701 -27.90 12.69 5.43
N ALA B 702 -28.38 13.66 6.20
CA ALA B 702 -27.50 14.69 6.75
C ALA B 702 -28.17 15.34 7.96
N GLY B 703 -27.36 16.03 8.76
CA GLY B 703 -27.84 16.77 9.90
C GLY B 703 -26.94 16.57 11.10
N GLN B 704 -27.49 16.84 12.27
CA GLN B 704 -26.77 16.69 13.52
C GLN B 704 -26.95 15.29 14.08
N LEU B 705 -25.88 14.75 14.67
CA LEU B 705 -25.93 13.41 15.23
C LEU B 705 -26.76 13.37 16.51
N HIS B 706 -27.30 12.19 16.81
CA HIS B 706 -28.11 12.00 17.99
C HIS B 706 -27.29 12.28 19.24
N PRO B 707 -27.81 13.05 20.21
CA PRO B 707 -27.02 13.33 21.42
C PRO B 707 -26.70 12.10 22.24
N ALA B 708 -27.50 11.04 22.14
CA ALA B 708 -27.19 9.82 22.86
C ALA B 708 -26.06 9.05 22.16
N VAL B 709 -26.05 9.07 20.83
CA VAL B 709 -24.93 8.49 20.08
C VAL B 709 -23.65 9.25 20.39
N ILE B 710 -23.72 10.58 20.41
CA ILE B 710 -22.56 11.41 20.71
C ILE B 710 -22.04 11.11 22.12
N GLU B 711 -22.95 10.97 23.08
CA GLU B 711 -22.55 10.72 24.46
C GLU B 711 -21.86 9.36 24.59
N ARG B 712 -22.48 8.30 24.05
CA ARG B 712 -21.93 6.96 24.17
C ARG B 712 -20.62 6.81 23.40
N SER B 713 -20.42 7.60 22.35
CA SER B 713 -19.25 7.47 21.50
C SER B 713 -18.10 8.37 21.91
N GLY B 714 -18.30 9.26 22.88
CA GLY B 714 -17.26 10.20 23.24
C GLY B 714 -16.97 11.24 22.17
N LEU B 715 -17.94 11.55 21.32
CA LEU B 715 -17.78 12.53 20.28
C LEU B 715 -17.99 13.94 20.84
N PRO B 716 -17.51 14.96 20.14
CA PRO B 716 -17.82 16.34 20.55
C PRO B 716 -19.32 16.58 20.50
N LYS B 717 -19.80 17.41 21.42
CA LYS B 717 -21.20 17.79 21.41
C LYS B 717 -21.54 18.54 20.13
N GLY B 718 -22.75 18.33 19.61
CA GLY B 718 -23.18 19.00 18.42
C GLY B 718 -22.55 18.53 17.12
N THR B 719 -21.85 17.40 17.14
CA THR B 719 -21.21 16.88 15.93
C THR B 719 -22.26 16.62 14.85
N CYS B 720 -21.94 17.02 13.62
CA CYS B 720 -22.84 16.83 12.50
C CYS B 720 -22.19 15.90 11.48
N ALA B 721 -23.02 15.35 10.59
CA ALA B 721 -22.53 14.36 9.65
C ALA B 721 -23.41 14.34 8.41
N VAL B 722 -22.84 13.82 7.32
CA VAL B 722 -23.55 13.65 6.06
C VAL B 722 -22.95 12.44 5.35
N GLU B 723 -23.80 11.61 4.76
CA GLU B 723 -23.35 10.51 3.91
C GLU B 723 -24.29 10.35 2.73
N LEU B 724 -23.73 10.37 1.53
CA LEU B 724 -24.49 10.18 0.30
C LEU B 724 -23.90 9.02 -0.49
N ASN B 725 -24.74 8.37 -1.29
CA ASN B 725 -24.32 7.32 -2.20
C ASN B 725 -24.10 7.95 -3.58
N LEU B 726 -22.84 8.10 -3.96
CA LEU B 726 -22.52 8.74 -5.23
C LEU B 726 -23.05 7.94 -6.42
N ASP B 727 -23.02 6.61 -6.32
CA ASP B 727 -23.50 5.78 -7.43
C ASP B 727 -25.01 5.90 -7.63
N ALA B 728 -25.75 6.35 -6.61
CA ALA B 728 -27.17 6.63 -6.76
C ALA B 728 -27.44 8.00 -7.34
N ILE B 729 -26.43 8.87 -7.42
CA ILE B 729 -26.57 10.19 -8.04
C ILE B 729 -26.23 10.03 -9.52
N PRO B 730 -27.21 10.13 -10.42
CA PRO B 730 -26.91 9.92 -11.85
C PRO B 730 -26.02 11.03 -12.39
N CYS B 731 -25.06 10.64 -13.22
CA CYS B 731 -24.18 11.61 -13.85
C CYS B 731 -24.98 12.47 -14.82
N SER B 732 -24.89 13.79 -14.65
CA SER B 732 -25.62 14.73 -15.48
C SER B 732 -24.65 15.49 -16.37
N ALA B 733 -25.03 15.67 -17.63
CA ALA B 733 -24.26 16.44 -18.60
C ALA B 733 -25.14 17.54 -19.18
N PRO B 734 -25.50 18.53 -18.37
CA PRO B 734 -26.44 19.56 -18.85
C PRO B 734 -25.78 20.51 -19.83
N LEU B 735 -26.57 20.97 -20.80
CA LEU B 735 -26.16 21.96 -21.79
C LEU B 735 -27.10 23.16 -21.67
N PRO B 736 -26.87 24.03 -20.69
CA PRO B 736 -27.77 25.17 -20.51
C PRO B 736 -27.75 26.10 -21.71
N ALA B 737 -28.89 26.73 -21.96
CA ALA B 737 -29.03 27.76 -22.98
C ALA B 737 -29.87 28.89 -22.40
N PRO B 738 -29.33 29.63 -21.45
CA PRO B 738 -30.13 30.64 -20.75
C PRO B 738 -30.45 31.82 -21.66
N ARG B 739 -31.61 32.42 -21.40
CA ARG B 739 -32.00 33.67 -22.06
C ARG B 739 -32.17 34.72 -20.98
N VAL B 740 -31.34 35.76 -21.04
CA VAL B 740 -31.28 36.78 -20.01
C VAL B 740 -32.12 37.96 -20.45
N SER B 741 -33.12 38.31 -19.65
CA SER B 741 -33.96 39.46 -19.96
C SER B 741 -33.30 40.73 -19.44
N PRO B 742 -33.07 41.74 -20.31
CA PRO B 742 -32.47 42.99 -19.83
C PRO B 742 -33.47 43.98 -19.26
N TYR B 743 -34.76 43.68 -19.31
CA TYR B 743 -35.77 44.63 -18.89
C TYR B 743 -35.77 44.78 -17.38
N PRO B 744 -36.21 45.94 -16.88
CA PRO B 744 -36.17 46.20 -15.43
C PRO B 744 -37.01 45.21 -14.65
N ALA B 745 -36.59 44.96 -13.42
CA ALA B 745 -37.26 44.05 -12.51
C ALA B 745 -38.13 44.82 -11.51
N VAL B 746 -39.12 44.13 -10.96
CA VAL B 746 -39.98 44.67 -9.91
C VAL B 746 -39.73 43.87 -8.64
N PHE B 747 -39.42 44.57 -7.55
CA PHE B 747 -39.12 43.95 -6.27
C PHE B 747 -40.31 44.07 -5.34
N GLN B 748 -40.76 42.95 -4.80
CA GLN B 748 -41.88 42.91 -3.88
C GLN B 748 -41.63 41.83 -2.84
N ASP B 749 -42.07 42.08 -1.60
CA ASP B 749 -41.97 41.13 -0.51
C ASP B 749 -43.36 40.67 -0.09
N VAL B 750 -43.46 39.41 0.32
CA VAL B 750 -44.71 38.84 0.77
C VAL B 750 -44.47 38.10 2.09
N SER B 751 -45.40 38.27 3.03
CA SER B 751 -45.27 37.73 4.37
C SER B 751 -46.45 36.81 4.63
N LEU B 752 -46.16 35.53 4.90
CA LEU B 752 -47.18 34.49 4.95
C LEU B 752 -47.11 33.74 6.27
N VAL B 753 -48.26 33.56 6.91
CA VAL B 753 -48.38 32.82 8.16
C VAL B 753 -48.85 31.40 7.84
N VAL B 754 -48.08 30.40 8.30
CA VAL B 754 -48.42 29.00 8.14
C VAL B 754 -48.33 28.32 9.50
N ALA B 755 -48.78 27.08 9.55
CA ALA B 755 -48.56 26.25 10.74
C ALA B 755 -47.07 26.06 10.96
N ALA B 756 -46.67 25.96 12.24
CA ALA B 756 -45.25 25.97 12.58
C ALA B 756 -44.51 24.78 11.99
N ASP B 757 -45.20 23.67 11.74
CA ASP B 757 -44.58 22.46 11.21
C ASP B 757 -44.69 22.34 9.69
N ILE B 758 -45.10 23.39 9.00
CA ILE B 758 -45.10 23.41 7.54
C ILE B 758 -43.68 23.74 7.08
N PRO B 759 -43.02 22.85 6.33
CA PRO B 759 -41.64 23.13 5.89
C PRO B 759 -41.58 24.35 4.98
N ALA B 760 -40.53 25.16 5.17
CA ALA B 760 -40.43 26.42 4.44
C ALA B 760 -40.27 26.20 2.94
N GLN B 761 -39.69 25.07 2.54
CA GLN B 761 -39.54 24.78 1.12
C GLN B 761 -40.90 24.54 0.46
N ALA B 762 -41.86 23.99 1.19
CA ALA B 762 -43.18 23.77 0.62
C ALA B 762 -43.93 25.08 0.40
N VAL B 763 -43.72 26.05 1.28
CA VAL B 763 -44.35 27.36 1.10
C VAL B 763 -43.75 28.08 -0.10
N ALA B 764 -42.42 28.00 -0.26
CA ALA B 764 -41.78 28.63 -1.41
C ALA B 764 -42.19 27.99 -2.72
N ASP B 765 -42.26 26.65 -2.76
CA ASP B 765 -42.71 25.97 -3.97
C ASP B 765 -44.13 26.40 -4.37
N ALA B 766 -45.01 26.56 -3.38
CA ALA B 766 -46.37 27.00 -3.68
C ALA B 766 -46.39 28.44 -4.20
N VAL B 767 -45.57 29.30 -3.60
CA VAL B 767 -45.45 30.67 -4.09
C VAL B 767 -44.93 30.68 -5.52
N ARG B 768 -43.86 29.92 -5.78
CA ARG B 768 -43.28 29.85 -7.11
C ARG B 768 -44.29 29.32 -8.12
N ALA B 769 -45.08 28.32 -7.74
CA ALA B 769 -46.05 27.73 -8.66
C ALA B 769 -47.16 28.70 -9.03
N GLY B 770 -47.50 29.62 -8.14
CA GLY B 770 -48.54 30.58 -8.43
C GLY B 770 -48.03 31.83 -9.12
N ALA B 771 -46.74 32.14 -8.93
CA ALA B 771 -46.19 33.36 -9.50
C ALA B 771 -46.05 33.26 -11.01
N GLY B 772 -45.75 32.08 -11.54
CA GLY B 772 -45.65 31.92 -12.97
C GLY B 772 -44.27 32.27 -13.50
N ASP B 773 -44.23 32.55 -14.80
CA ASP B 773 -42.97 32.79 -15.49
C ASP B 773 -42.35 34.14 -15.15
N LEU B 774 -43.15 35.09 -14.66
CA LEU B 774 -42.62 36.41 -14.32
C LEU B 774 -41.72 36.36 -13.11
N LEU B 775 -41.79 35.32 -12.29
CA LEU B 775 -40.96 35.22 -11.09
C LEU B 775 -39.55 34.81 -11.46
N GLU B 776 -38.60 35.70 -11.24
CA GLU B 776 -37.20 35.42 -11.54
C GLU B 776 -36.44 34.87 -10.34
N ASP B 777 -36.74 35.36 -9.15
CA ASP B 777 -36.03 34.94 -7.94
C ASP B 777 -36.96 35.03 -6.74
N ILE B 778 -36.81 34.07 -5.83
CA ILE B 778 -37.54 34.06 -4.56
C ILE B 778 -36.56 33.67 -3.46
N ALA B 779 -36.53 34.43 -2.38
CA ALA B 779 -35.60 34.19 -1.28
C ALA B 779 -36.30 34.41 0.05
N LEU B 780 -36.27 33.39 0.90
CA LEU B 780 -36.74 33.51 2.27
C LEU B 780 -35.70 34.25 3.11
N PHE B 781 -36.11 35.30 3.81
CA PHE B 781 -35.19 36.03 4.67
C PHE B 781 -35.71 36.30 6.07
N ASP B 782 -36.88 35.79 6.44
CA ASP B 782 -37.37 36.00 7.80
C ASP B 782 -38.29 34.85 8.21
N VAL B 783 -38.04 34.30 9.40
CA VAL B 783 -38.89 33.28 10.02
C VAL B 783 -39.20 33.77 11.43
N PHE B 784 -40.46 34.13 11.68
CA PHE B 784 -40.84 34.83 12.90
C PHE B 784 -41.94 34.08 13.63
N THR B 785 -41.77 33.93 14.95
CA THR B 785 -42.82 33.45 15.83
C THR B 785 -43.01 34.46 16.95
N GLY B 786 -44.20 34.43 17.55
CA GLY B 786 -44.49 35.34 18.63
C GLY B 786 -45.98 35.56 18.82
N PRO B 787 -46.35 36.27 19.89
CA PRO B 787 -47.77 36.51 20.16
C PRO B 787 -48.48 37.30 19.08
N GLN B 788 -47.75 38.10 18.30
CA GLN B 788 -48.37 38.79 17.17
C GLN B 788 -48.94 37.81 16.16
N ILE B 789 -48.34 36.63 16.04
CA ILE B 789 -48.74 35.66 15.04
C ILE B 789 -49.75 34.67 15.59
N GLY B 790 -49.57 34.24 16.82
CA GLY B 790 -50.42 33.23 17.42
C GLY B 790 -49.66 31.93 17.65
N GLU B 791 -50.20 31.14 18.58
CA GLU B 791 -49.56 29.87 18.91
C GLU B 791 -49.69 28.88 17.76
N HIS B 792 -48.71 27.98 17.68
CA HIS B 792 -48.62 26.91 16.68
C HIS B 792 -48.43 27.44 15.27
N ARG B 793 -48.17 28.73 15.12
CA ARG B 793 -48.00 29.37 13.82
C ARG B 793 -46.59 29.93 13.69
N LYS B 794 -46.22 30.24 12.45
CA LYS B 794 -44.98 30.95 12.17
C LYS B 794 -45.19 31.80 10.93
N SER B 795 -44.47 32.90 10.86
CA SER B 795 -44.55 33.83 9.73
C SER B 795 -43.27 33.74 8.91
N LEU B 796 -43.42 33.64 7.60
CA LEU B 796 -42.30 33.60 6.66
C LEU B 796 -42.43 34.75 5.69
N THR B 797 -41.31 35.45 5.44
CA THR B 797 -41.31 36.58 4.51
C THR B 797 -40.30 36.31 3.41
N PHE B 798 -40.77 36.38 2.16
CA PHE B 798 -39.96 36.11 0.98
C PHE B 798 -39.72 37.39 0.20
N ALA B 799 -38.52 37.52 -0.35
CA ALA B 799 -38.21 38.59 -1.29
C ALA B 799 -38.44 38.06 -2.70
N LEU B 800 -39.31 38.72 -3.45
CA LEU B 800 -39.65 38.32 -4.81
C LEU B 800 -39.10 39.32 -5.81
N ARG B 801 -38.49 38.80 -6.88
CA ARG B 801 -38.01 39.62 -7.99
C ARG B 801 -38.73 39.17 -9.26
N PHE B 802 -39.60 40.01 -9.78
CA PHE B 802 -40.34 39.74 -11.00
C PHE B 802 -39.65 40.43 -12.18
N ARG B 803 -39.75 39.81 -13.35
CA ARG B 803 -39.16 40.37 -14.56
C ARG B 803 -39.83 39.77 -15.79
N ALA B 804 -40.18 40.62 -16.75
CA ALA B 804 -40.75 40.22 -18.03
C ALA B 804 -39.64 40.02 -19.06
N PRO B 805 -39.83 39.11 -20.01
CA PRO B 805 -38.78 38.87 -21.02
C PRO B 805 -38.80 39.83 -22.19
N ASP B 806 -39.88 40.59 -22.39
CA ASP B 806 -40.04 41.37 -23.60
C ASP B 806 -40.59 42.77 -23.37
N ARG B 807 -40.68 43.22 -22.12
CA ARG B 807 -41.29 44.50 -21.82
C ARG B 807 -40.89 44.92 -20.42
N THR B 808 -41.08 46.20 -20.13
CA THR B 808 -40.88 46.72 -18.78
C THR B 808 -42.11 46.38 -17.95
N LEU B 809 -41.94 45.47 -16.99
CA LEU B 809 -43.07 45.02 -16.19
C LEU B 809 -43.61 46.14 -15.32
N THR B 810 -44.94 46.26 -15.29
CA THR B 810 -45.58 47.28 -14.49
C THR B 810 -45.78 46.79 -13.05
N GLU B 811 -45.88 47.76 -12.14
CA GLU B 811 -46.12 47.43 -10.73
C GLU B 811 -47.39 46.62 -10.56
N ASP B 812 -48.42 46.92 -11.36
CA ASP B 812 -49.68 46.20 -11.26
C ASP B 812 -49.55 44.77 -11.76
N ASP B 813 -48.93 44.59 -12.94
CA ASP B 813 -48.75 43.24 -13.47
C ASP B 813 -47.94 42.37 -12.53
N ALA B 814 -46.99 42.95 -11.80
CA ALA B 814 -46.24 42.19 -10.83
C ALA B 814 -47.11 41.83 -9.63
N SER B 815 -47.95 42.76 -9.18
CA SER B 815 -48.85 42.47 -8.07
C SER B 815 -49.86 41.39 -8.43
N ALA B 816 -50.29 41.32 -9.69
CA ALA B 816 -51.17 40.24 -10.10
C ALA B 816 -50.48 38.89 -9.99
N ALA B 817 -49.21 38.82 -10.39
CA ALA B 817 -48.44 37.59 -10.20
C ALA B 817 -48.21 37.30 -8.72
N ARG B 818 -48.02 38.34 -7.92
CA ARG B 818 -47.87 38.15 -6.48
C ARG B 818 -49.16 37.65 -5.85
N ASP B 819 -50.30 38.24 -6.24
CA ASP B 819 -51.59 37.78 -5.73
C ASP B 819 -51.82 36.31 -6.07
N ALA B 820 -51.48 35.92 -7.31
CA ALA B 820 -51.61 34.52 -7.70
C ALA B 820 -50.66 33.62 -6.92
N ALA B 821 -49.48 34.12 -6.57
CA ALA B 821 -48.57 33.35 -5.74
C ALA B 821 -49.14 33.16 -4.34
N VAL B 822 -49.74 34.21 -3.78
CA VAL B 822 -50.34 34.12 -2.46
C VAL B 822 -51.54 33.17 -2.48
N GLN B 823 -52.35 33.23 -3.54
CA GLN B 823 -53.48 32.31 -3.66
C GLN B 823 -52.99 30.86 -3.74
N SER B 824 -51.90 30.62 -4.45
CA SER B 824 -51.36 29.27 -4.56
C SER B 824 -50.86 28.76 -3.21
N ALA B 825 -50.16 29.63 -2.46
CA ALA B 825 -49.70 29.23 -1.13
C ALA B 825 -50.87 28.94 -0.20
N ALA B 826 -51.96 29.68 -0.35
CA ALA B 826 -53.13 29.44 0.48
C ALA B 826 -53.73 28.07 0.23
N GLU B 827 -53.79 27.67 -1.04
CA GLU B 827 -54.44 26.41 -1.39
C GLU B 827 -53.60 25.19 -1.04
N ARG B 828 -52.27 25.32 -1.10
CA ARG B 828 -51.39 24.17 -0.96
C ARG B 828 -50.81 23.98 0.44
N VAL B 829 -50.61 25.05 1.20
CA VAL B 829 -50.05 24.90 2.55
C VAL B 829 -50.85 25.73 3.55
N GLY B 830 -51.98 26.26 3.11
CA GLY B 830 -52.83 27.02 4.02
C GLY B 830 -52.23 28.33 4.47
N ALA B 831 -51.38 28.95 3.66
CA ALA B 831 -50.74 30.21 4.05
C ALA B 831 -51.76 31.33 4.10
N VAL B 832 -51.67 32.15 5.15
CA VAL B 832 -52.54 33.30 5.33
C VAL B 832 -51.69 34.56 5.18
N LEU B 833 -52.12 35.46 4.31
CA LEU B 833 -51.41 36.72 4.13
C LEU B 833 -51.46 37.52 5.42
N ARG B 834 -50.29 38.01 5.86
CA ARG B 834 -50.19 38.64 7.16
C ARG B 834 -50.72 40.06 7.11
N GLY B 835 -51.48 40.44 8.14
CA GLY B 835 -52.04 41.77 8.24
C GLY B 835 -51.86 42.38 9.62
CD1 W5Y D . 2.29 -5.25 -11.51
CE1 W5Y D . 2.29 -5.60 -12.86
CZ W5Y D . 3.30 -6.42 -13.36
CE2 W5Y D . 4.31 -6.87 -12.51
CD2 W5Y D . 4.31 -6.52 -11.17
CG W5Y D . 3.30 -5.71 -10.67
CB W5Y D . 3.31 -5.30 -9.22
CA W5Y D . 2.70 -6.39 -8.34
N W5Y D . 1.27 -6.52 -8.59
C W5Y D . 2.95 -6.07 -6.89
O W5Y D . 2.01 -5.93 -6.12
NAT W5Y D . 4.22 -5.99 -6.52
SBI W5Y D . 4.65 -5.66 -5.01
OAD W5Y D . 3.97 -6.52 -4.09
OAE W5Y D . 6.07 -5.86 -4.87
O5' W5Y D . 4.35 -4.20 -4.65
C5' W5Y D . 4.46 -3.20 -5.65
C4' W5Y D . 4.75 -1.87 -4.97
O4' W5Y D . 3.69 -1.54 -4.06
C3' W5Y D . 6.00 -1.92 -4.11
O3' W5Y D . 7.16 -1.56 -4.85
C2' W5Y D . 5.72 -0.91 -3.02
O2' W5Y D . 6.18 0.38 -3.44
C1' W5Y D . 4.21 -0.87 -2.92
N9 W5Y D . 3.81 -1.56 -1.68
C8 W5Y D . 3.77 -2.89 -1.48
N7 W5Y D . 3.37 -3.19 -0.22
C5 W5Y D . 3.13 -2.03 0.42
C4 W5Y D . 3.43 -0.95 -0.54
N3 W5Y D . 3.28 0.34 -0.16
C2 W5Y D . 2.86 0.63 1.08
N1 W5Y D . 2.56 -0.30 2.02
C6 W5Y D . 2.67 -1.62 1.77
N6 W5Y D . 2.38 -2.53 2.73
MG MG E . 12.42 -7.28 -4.26
MG MG F . -1.09 -16.10 2.70
C1 GOL G . -11.97 -2.40 -16.07
O1 GOL G . -13.27 -2.80 -15.73
C2 GOL G . -12.08 -0.98 -16.67
O2 GOL G . -12.62 -0.99 -17.96
C3 GOL G . -12.96 -0.19 -15.66
O3 GOL G . -12.66 1.16 -15.84
C1 GOL H . 14.14 10.41 -5.33
O1 GOL H . 14.59 11.06 -6.48
C2 GOL H . 14.49 11.33 -4.13
O2 GOL H . 13.86 10.93 -2.96
C3 GOL H . 16.04 11.27 -4.01
O3 GOL H . 16.32 10.17 -3.18
C1 GOL I . 17.19 -2.78 -3.04
O1 GOL I . 15.81 -2.66 -3.24
C2 GOL I . 17.41 -4.02 -2.14
O2 GOL I . 16.85 -3.83 -0.89
C3 GOL I . 16.74 -5.19 -2.91
O3 GOL I . 17.48 -6.33 -2.60
C1 GOL J . -15.42 -7.71 -14.60
O1 GOL J . -14.14 -8.15 -14.93
C2 GOL J . -16.20 -7.66 -15.93
O2 GOL J . -17.54 -7.35 -15.73
C3 GOL J . -15.47 -6.61 -16.78
O3 GOL J . -15.93 -6.76 -18.09
MG MG K . 11.14 -17.58 -15.63
O1 P6G L . 12.82 -2.27 -33.74
C2 P6G L . 13.27 -3.02 -32.60
C3 P6G L . 14.75 -3.36 -32.74
O4 P6G L . 15.01 -4.64 -32.16
C5 P6G L . 16.19 -5.25 -32.64
C6 P6G L . 15.90 -6.72 -32.90
O7 P6G L . 14.88 -6.80 -33.88
C8 P6G L . 14.42 -8.12 -34.15
C9 P6G L . 13.06 -8.00 -34.81
O10 P6G L . 12.21 -7.23 -33.97
C11 P6G L . 11.10 -6.65 -34.65
C12 P6G L . 10.19 -5.99 -33.62
O13 P6G L . 9.64 -6.99 -32.77
C14 P6G L . 8.69 -6.48 -31.85
C15 P6G L . 7.58 -7.53 -31.69
O16 P6G L . 7.70 -8.24 -30.47
C17 P6G L . 6.96 -9.46 -30.56
C18 P6G L . 6.26 -9.78 -29.25
O19 P6G L . 5.26 -10.77 -29.49
C1 PGE M . -32.13 32.54 -2.92
O1 PGE M . -32.90 32.07 -4.03
C2 PGE M . -32.15 31.49 -1.83
O2 PGE M . -33.43 30.90 -1.78
C3 PGE M . -34.05 30.96 -0.51
C4 PGE M . -35.54 30.67 -0.65
O4 PGE M . -36.67 27.64 -3.66
C6 PGE M . -36.81 28.59 -2.62
C5 PGE M . -35.55 28.60 -1.78
O3 PGE M . -35.80 29.29 -0.57
C1 GOL N . -14.22 23.33 11.29
O1 GOL N . -15.53 22.87 11.54
C2 GOL N . -14.03 23.47 9.76
O2 GOL N . -15.00 24.29 9.18
C3 GOL N . -12.59 24.02 9.56
O3 GOL N . -12.64 25.39 9.80
C1 GOL O . -25.46 21.88 18.40
O1 GOL O . -24.65 21.65 17.28
C2 GOL O . -24.59 22.65 19.46
O2 GOL O . -23.32 22.11 19.60
C3 GOL O . -24.57 24.12 18.98
O3 GOL O . -23.67 24.81 19.80
C1 GOL P . 10.52 -36.92 5.75
O1 GOL P . 9.89 -37.27 4.56
C2 GOL P . 11.21 -35.56 5.51
O2 GOL P . 11.94 -35.15 6.62
C3 GOL P . 12.11 -35.79 4.27
O3 GOL P . 13.10 -34.82 4.31
#